data_6LM0
#
_entry.id   6LM0
#
_cell.length_a   64.490
_cell.length_b   107.570
_cell.length_c   224.500
_cell.angle_alpha   90.000
_cell.angle_beta   90.000
_cell.angle_gamma   90.000
#
_symmetry.space_group_name_H-M   'C 2 2 21'
#
loop_
_entity.id
_entity.type
_entity.pdbx_description
1 polymer Rhodopsin
2 non-polymer RETINAL
3 non-polymer HEXANE
4 non-polymer N-OCTANE
5 non-polymer TETRADECANE
6 non-polymer DECANE
7 water water
#
_entity_poly.entity_id   1
_entity_poly.type   'polypeptide(L)'
_entity_poly.pdbx_seq_one_letter_code
;GSSGSSGMTQFWLWVGFIGMVIGCIYFGMKASAMRRREGMEFPLESFFITLWAAALYLTMILGETVTPINGQTVFWGRYI
DWVVTTPLLLMELGVIAGLRPKLIAGVMGADIFMIVTGFIGAVEAPPYNYLWWLISTGSFLAILGSLLTEYSASAKRRNG
RINSLFQTLRNILIVLWICYPIVWILGAEGFHVISVGWETLCYSVLDVCAKVGFGFVVVSAGNETLAQASNSDRIMETVH
SYMQSEEREQSPYR
;
_entity_poly.pdbx_strand_id   A,B,C
#
loop_
_chem_comp.id
_chem_comp.type
_chem_comp.name
_chem_comp.formula
C14 non-polymer TETRADECANE 'C14 H30'
D10 non-polymer DECANE 'C10 H22'
HEX non-polymer HEXANE 'C6 H14'
OCT non-polymer N-OCTANE 'C8 H18'
RET non-polymer RETINAL 'C20 H28 O'
#
# COMPACT_ATOMS: atom_id res chain seq x y z
N SER A 6 -9.93 17.88 28.08
CA SER A 6 -10.07 16.82 29.08
C SER A 6 -11.32 15.99 28.81
N GLY A 7 -12.46 16.44 29.35
CA GLY A 7 -13.72 15.79 29.05
C GLY A 7 -14.33 16.20 27.72
N MET A 8 -13.98 17.39 27.22
CA MET A 8 -14.46 17.83 25.92
C MET A 8 -13.81 17.05 24.79
N THR A 9 -12.56 16.63 24.97
CA THR A 9 -11.86 15.88 23.93
C THR A 9 -12.51 14.51 23.72
N GLN A 10 -12.74 13.76 24.80
CA GLN A 10 -13.35 12.44 24.67
C GLN A 10 -14.79 12.52 24.21
N PHE A 11 -15.51 13.59 24.58
CA PHE A 11 -16.88 13.75 24.13
C PHE A 11 -16.95 13.92 22.62
N TRP A 12 -16.08 14.77 22.06
CA TRP A 12 -16.09 15.01 20.63
C TRP A 12 -15.36 13.93 19.84
N LEU A 13 -14.50 13.14 20.50
CA LEU A 13 -14.02 11.92 19.87
C LEU A 13 -15.14 10.91 19.70
N TRP A 14 -16.07 10.86 20.68
CA TRP A 14 -17.23 9.98 20.56
C TRP A 14 -18.18 10.47 19.48
N VAL A 15 -18.39 11.78 19.38
CA VAL A 15 -19.27 12.35 18.34
C VAL A 15 -18.75 11.97 16.96
N GLY A 16 -17.44 12.02 16.77
CA GLY A 16 -16.86 11.59 15.51
C GLY A 16 -17.04 10.10 15.27
N PHE A 17 -16.84 9.30 16.33
CA PHE A 17 -16.95 7.84 16.18
C PHE A 17 -18.39 7.43 15.89
N ILE A 18 -19.36 8.03 16.59
CA ILE A 18 -20.76 7.70 16.34
C ILE A 18 -21.19 8.19 14.97
N GLY A 19 -20.67 9.33 14.53
CA GLY A 19 -20.96 9.80 13.19
C GLY A 19 -20.42 8.88 12.11
N MET A 20 -19.22 8.32 12.34
CA MET A 20 -18.65 7.37 11.38
C MET A 20 -19.44 6.07 11.34
N VAL A 21 -19.88 5.59 12.51
CA VAL A 21 -20.60 4.32 12.57
C VAL A 21 -21.94 4.45 11.84
N ILE A 22 -22.63 5.57 12.01
CA ILE A 22 -23.90 5.77 11.33
C ILE A 22 -23.72 5.73 9.82
N GLY A 23 -22.70 6.40 9.31
CA GLY A 23 -22.40 6.32 7.90
C GLY A 23 -22.06 4.92 7.43
N CYS A 24 -21.41 4.13 8.29
CA CYS A 24 -21.07 2.76 7.94
C CYS A 24 -22.33 1.93 7.70
N ILE A 25 -23.30 2.03 8.61
CA ILE A 25 -24.55 1.30 8.44
C ILE A 25 -25.25 1.73 7.17
N TYR A 26 -25.26 3.04 6.89
CA TYR A 26 -25.94 3.53 5.70
C TYR A 26 -25.19 3.13 4.43
N PHE A 27 -23.90 3.46 4.36
CA PHE A 27 -23.12 3.13 3.17
C PHE A 27 -23.00 1.63 2.98
N GLY A 28 -22.85 0.89 4.07
CA GLY A 28 -22.72 -0.56 3.97
C GLY A 28 -24.00 -1.22 3.47
N MET A 29 -25.16 -0.73 3.92
CA MET A 29 -26.43 -1.27 3.44
C MET A 29 -26.61 -1.02 1.96
N LYS A 30 -26.35 0.22 1.52
CA LYS A 30 -26.54 0.56 0.12
C LYS A 30 -25.50 -0.10 -0.78
N ALA A 31 -24.27 -0.29 -0.27
CA ALA A 31 -23.24 -0.91 -1.09
C ALA A 31 -23.54 -2.39 -1.33
N SER A 32 -24.06 -3.09 -0.33
CA SER A 32 -24.42 -4.49 -0.49
C SER A 32 -25.78 -4.69 -1.13
N ALA A 33 -26.56 -3.62 -1.31
CA ALA A 33 -27.82 -3.70 -2.04
C ALA A 33 -27.63 -3.63 -3.55
N MET A 34 -26.46 -3.21 -4.03
CA MET A 34 -26.16 -3.11 -5.44
C MET A 34 -24.82 -3.76 -5.76
N ARG A 35 -24.55 -4.92 -5.15
CA ARG A 35 -23.27 -5.58 -5.36
C ARG A 35 -23.10 -6.07 -6.79
N ARG A 36 -24.21 -6.31 -7.49
CA ARG A 36 -24.18 -6.77 -8.88
C ARG A 36 -24.33 -5.63 -9.87
N ARG A 37 -24.48 -4.39 -9.41
CA ARG A 37 -24.78 -3.26 -10.28
C ARG A 37 -23.54 -2.41 -10.54
N GLU A 38 -23.65 -1.55 -11.54
CA GLU A 38 -22.64 -0.55 -11.83
C GLU A 38 -22.88 0.68 -10.96
N GLY A 39 -21.78 1.37 -10.62
CA GLY A 39 -21.83 2.41 -9.63
C GLY A 39 -21.75 1.90 -8.20
N MET A 40 -21.56 0.60 -8.01
CA MET A 40 -21.47 0.02 -6.67
C MET A 40 -20.23 0.53 -5.94
N GLU A 41 -19.19 0.91 -6.67
CA GLU A 41 -17.93 1.28 -6.04
C GLU A 41 -18.07 2.52 -5.17
N PHE A 42 -19.03 3.40 -5.48
CA PHE A 42 -19.15 4.65 -4.71
C PHE A 42 -19.68 4.39 -3.30
N PRO A 43 -20.79 3.69 -3.09
CA PRO A 43 -21.14 3.34 -1.70
C PRO A 43 -20.16 2.37 -1.06
N LEU A 44 -19.45 1.58 -1.88
CA LEU A 44 -18.42 0.70 -1.34
C LEU A 44 -17.23 1.49 -0.82
N GLU A 45 -16.76 2.47 -1.61
CA GLU A 45 -15.70 3.35 -1.14
C GLU A 45 -16.15 4.21 0.01
N SER A 46 -17.39 4.71 -0.04
CA SER A 46 -17.92 5.50 1.06
C SER A 46 -17.97 4.68 2.36
N PHE A 47 -18.21 3.36 2.24
CA PHE A 47 -18.30 2.52 3.42
C PHE A 47 -16.93 2.30 4.05
N PHE A 48 -15.92 2.00 3.23
CA PHE A 48 -14.59 1.74 3.77
C PHE A 48 -13.94 3.00 4.33
N ILE A 49 -14.26 4.17 3.76
CA ILE A 49 -13.75 5.43 4.29
C ILE A 49 -14.29 5.66 5.70
N THR A 50 -15.59 5.47 5.89
CA THR A 50 -16.17 5.60 7.21
C THR A 50 -15.74 4.46 8.13
N LEU A 51 -15.49 3.27 7.58
CA LEU A 51 -15.07 2.14 8.40
C LEU A 51 -13.67 2.36 8.96
N TRP A 52 -12.73 2.77 8.11
CA TRP A 52 -11.38 3.05 8.57
C TRP A 52 -11.35 4.19 9.57
N ALA A 53 -12.16 5.23 9.33
CA ALA A 53 -12.21 6.35 10.26
C ALA A 53 -12.86 5.95 11.58
N ALA A 54 -13.89 5.10 11.53
CA ALA A 54 -14.54 4.66 12.76
C ALA A 54 -13.58 3.85 13.63
N ALA A 55 -12.77 2.99 13.01
CA ALA A 55 -11.80 2.21 13.77
C ALA A 55 -10.75 3.12 14.41
N LEU A 56 -10.16 4.01 13.62
CA LEU A 56 -9.13 4.90 14.15
C LEU A 56 -9.68 5.84 15.21
N TYR A 57 -10.94 6.25 15.09
CA TYR A 57 -11.56 7.05 16.14
C TYR A 57 -11.72 6.24 17.42
N LEU A 58 -11.94 4.93 17.30
CA LEU A 58 -11.97 4.08 18.50
C LEU A 58 -10.58 3.93 19.10
N THR A 59 -9.53 3.96 18.26
CA THR A 59 -8.17 3.90 18.79
C THR A 59 -7.84 5.13 19.63
N MET A 60 -8.39 6.29 19.26
CA MET A 60 -8.12 7.51 20.01
C MET A 60 -8.97 7.60 21.27
N ILE A 61 -10.23 7.14 21.19
CA ILE A 61 -11.08 7.10 22.39
C ILE A 61 -10.44 6.23 23.46
N LEU A 62 -9.96 5.05 23.07
CA LEU A 62 -9.27 4.15 24.00
C LEU A 62 -7.82 4.57 24.24
N GLY A 63 -7.37 5.67 23.66
CA GLY A 63 -6.02 6.15 23.90
C GLY A 63 -4.92 5.29 23.31
N GLU A 64 -5.27 4.39 22.39
CA GLU A 64 -4.26 3.50 21.81
C GLU A 64 -3.36 4.23 20.83
N THR A 65 -3.87 5.24 20.12
CA THR A 65 -3.10 6.00 19.15
C THR A 65 -2.89 7.44 19.60
N VAL A 66 -2.87 7.68 20.91
CA VAL A 66 -2.59 8.99 21.49
C VAL A 66 -1.36 8.84 22.38
N THR A 67 -0.31 9.60 22.09
CA THR A 67 0.97 9.40 22.73
C THR A 67 1.73 10.71 22.88
N PRO A 68 2.28 11.00 24.07
CA PRO A 68 3.16 12.18 24.21
C PRO A 68 4.55 11.87 23.68
N ILE A 69 5.05 12.73 22.80
CA ILE A 69 6.34 12.51 22.16
C ILE A 69 7.40 13.40 22.80
N ASN A 70 7.31 14.71 22.55
CA ASN A 70 8.26 15.67 23.08
C ASN A 70 7.52 16.80 23.79
N GLY A 71 6.73 16.43 24.79
CA GLY A 71 6.00 17.39 25.59
C GLY A 71 4.60 17.69 25.13
N GLN A 72 4.21 17.23 23.95
CA GLN A 72 2.86 17.45 23.42
C GLN A 72 2.15 16.12 23.27
N THR A 73 0.87 16.10 23.65
CA THR A 73 0.02 14.93 23.42
C THR A 73 -0.33 14.86 21.94
N VAL A 74 0.19 13.86 21.25
CA VAL A 74 0.04 13.74 19.80
C VAL A 74 -1.04 12.70 19.51
N PHE A 75 -2.08 13.11 18.78
CA PHE A 75 -3.11 12.20 18.32
C PHE A 75 -2.71 11.66 16.94
N TRP A 76 -1.70 10.78 16.96
CA TRP A 76 -1.16 10.29 15.70
C TRP A 76 -2.10 9.33 14.97
N GLY A 77 -3.17 8.87 15.62
CA GLY A 77 -4.14 8.05 14.94
C GLY A 77 -4.90 8.77 13.83
N ARG A 78 -4.95 10.10 13.89
CA ARG A 78 -5.58 10.86 12.81
C ARG A 78 -4.86 10.65 11.49
N TYR A 79 -3.53 10.51 11.55
CA TYR A 79 -2.74 10.38 10.34
C TYR A 79 -2.79 8.97 9.76
N ILE A 80 -2.94 7.96 10.61
CA ILE A 80 -3.26 6.63 10.13
C ILE A 80 -4.62 6.64 9.44
N ASP A 81 -5.56 7.43 9.96
CA ASP A 81 -6.85 7.61 9.33
C ASP A 81 -6.71 8.31 7.98
N TRP A 82 -6.11 9.50 7.98
CA TRP A 82 -6.14 10.35 6.79
C TRP A 82 -5.32 9.78 5.65
N VAL A 83 -4.22 9.08 5.94
CA VAL A 83 -3.38 8.54 4.89
C VAL A 83 -4.08 7.47 4.06
N VAL A 84 -5.21 6.96 4.54
CA VAL A 84 -6.00 5.97 3.83
C VAL A 84 -7.29 6.57 3.28
N THR A 85 -7.99 7.35 4.10
CA THR A 85 -9.31 7.85 3.71
C THR A 85 -9.22 8.97 2.68
N THR A 86 -8.26 9.88 2.84
CA THR A 86 -8.18 11.03 1.94
C THR A 86 -7.75 10.64 0.53
N PRO A 87 -6.85 9.66 0.33
CA PRO A 87 -6.61 9.20 -1.05
C PRO A 87 -7.82 8.50 -1.66
N LEU A 88 -8.61 7.79 -0.85
CA LEU A 88 -9.81 7.14 -1.38
C LEU A 88 -10.85 8.17 -1.79
N LEU A 89 -10.94 9.28 -1.06
CA LEU A 89 -11.90 10.33 -1.42
C LEU A 89 -11.50 10.99 -2.73
N LEU A 90 -10.20 11.23 -2.93
CA LEU A 90 -9.75 11.82 -4.19
C LEU A 90 -9.92 10.85 -5.35
N MET A 91 -9.69 9.55 -5.10
CA MET A 91 -9.93 8.55 -6.13
C MET A 91 -11.42 8.47 -6.50
N GLU A 92 -12.29 8.49 -5.49
CA GLU A 92 -13.72 8.45 -5.74
C GLU A 92 -14.18 9.65 -6.55
N LEU A 93 -13.67 10.84 -6.21
CA LEU A 93 -14.01 12.03 -6.98
C LEU A 93 -13.38 12.00 -8.37
N GLY A 94 -12.24 11.34 -8.52
CA GLY A 94 -11.60 11.26 -9.83
C GLY A 94 -12.37 10.40 -10.80
N VAL A 95 -12.99 9.32 -10.31
CA VAL A 95 -13.78 8.45 -11.18
C VAL A 95 -15.03 9.19 -11.66
N ILE A 96 -15.66 9.95 -10.77
CA ILE A 96 -16.83 10.74 -11.17
C ILE A 96 -16.46 11.76 -12.22
N ALA A 97 -15.31 12.42 -12.06
CA ALA A 97 -14.88 13.42 -13.00
C ALA A 97 -14.40 12.83 -14.32
N GLY A 98 -14.24 11.51 -14.41
CA GLY A 98 -13.72 10.91 -15.62
C GLY A 98 -12.26 11.20 -15.87
N LEU A 99 -11.50 11.48 -14.81
CA LEU A 99 -10.09 11.78 -14.95
C LEU A 99 -9.31 10.52 -15.29
N ARG A 100 -8.24 10.70 -16.07
CA ARG A 100 -7.40 9.57 -16.43
C ARG A 100 -6.78 8.96 -15.17
N PRO A 101 -6.76 7.63 -15.05
CA PRO A 101 -6.31 7.00 -13.80
C PRO A 101 -4.87 7.35 -13.44
N LYS A 102 -4.01 7.60 -14.43
CA LYS A 102 -2.63 7.97 -14.12
C LYS A 102 -2.57 9.31 -13.40
N LEU A 103 -3.39 10.28 -13.83
CA LEU A 103 -3.46 11.55 -13.12
C LEU A 103 -4.11 11.39 -11.75
N ILE A 104 -5.04 10.45 -11.62
CA ILE A 104 -5.63 10.17 -10.30
C ILE A 104 -4.57 9.62 -9.35
N ALA A 105 -3.73 8.70 -9.85
CA ALA A 105 -2.65 8.17 -9.03
C ALA A 105 -1.69 9.27 -8.59
N GLY A 106 -1.43 10.23 -9.47
CA GLY A 106 -0.57 11.34 -9.09
C GLY A 106 -1.17 12.20 -7.99
N VAL A 107 -2.48 12.46 -8.08
CA VAL A 107 -3.14 13.25 -7.05
C VAL A 107 -3.18 12.49 -5.73
N MET A 108 -3.39 11.16 -5.81
CA MET A 108 -3.35 10.35 -4.59
C MET A 108 -1.95 10.32 -3.99
N GLY A 109 -0.92 10.32 -4.84
CA GLY A 109 0.44 10.37 -4.34
C GLY A 109 0.76 11.66 -3.61
N ALA A 110 0.26 12.78 -4.14
CA ALA A 110 0.41 14.06 -3.44
C ALA A 110 -0.32 14.05 -2.11
N ASP A 111 -1.48 13.38 -2.05
CA ASP A 111 -2.24 13.33 -0.81
C ASP A 111 -1.47 12.57 0.27
N ILE A 112 -0.86 11.44 -0.09
CA ILE A 112 -0.04 10.69 0.86
C ILE A 112 1.12 11.55 1.35
N PHE A 113 1.77 12.26 0.44
CA PHE A 113 2.86 13.16 0.83
C PHE A 113 2.35 14.24 1.79
N MET A 114 1.15 14.76 1.55
CA MET A 114 0.60 15.78 2.42
C MET A 114 0.33 15.25 3.83
N ILE A 115 -0.22 14.04 3.93
CA ILE A 115 -0.54 13.48 5.24
C ILE A 115 0.72 13.08 5.98
N VAL A 116 1.68 12.49 5.29
CA VAL A 116 2.90 12.02 5.94
C VAL A 116 3.71 13.21 6.48
N THR A 117 3.92 14.22 5.65
CA THR A 117 4.64 15.41 6.12
C THR A 117 3.88 16.15 7.20
N GLY A 118 2.55 16.09 7.17
CA GLY A 118 1.76 16.62 8.27
C GLY A 118 1.97 15.86 9.56
N PHE A 119 2.19 14.54 9.46
CA PHE A 119 2.49 13.75 10.64
C PHE A 119 3.87 14.10 11.20
N ILE A 120 4.83 14.38 10.32
CA ILE A 120 6.16 14.78 10.79
C ILE A 120 6.09 16.08 11.55
N GLY A 121 5.28 17.03 11.08
CA GLY A 121 5.13 18.28 11.79
C GLY A 121 4.41 18.11 13.11
N ALA A 122 3.45 17.19 13.17
CA ALA A 122 2.73 16.93 14.42
C ALA A 122 3.62 16.31 15.49
N VAL A 123 4.77 15.76 15.09
CA VAL A 123 5.69 15.12 16.02
C VAL A 123 6.95 15.95 16.21
N GLU A 124 7.00 17.15 15.65
CA GLU A 124 8.21 17.95 15.63
C GLU A 124 8.20 19.05 16.68
N ALA A 125 9.31 19.78 16.74
CA ALA A 125 9.54 20.83 17.71
C ALA A 125 8.93 22.15 17.25
N PRO A 126 8.78 23.12 18.15
CA PRO A 126 8.18 24.42 17.79
C PRO A 126 8.86 25.09 16.60
N PRO A 127 10.18 24.93 16.38
CA PRO A 127 10.73 25.48 15.15
C PRO A 127 10.35 24.70 13.89
N TYR A 128 10.39 23.37 13.95
CA TYR A 128 10.27 22.56 12.74
C TYR A 128 8.87 22.06 12.45
N ASN A 129 7.95 22.13 13.41
CA ASN A 129 6.56 21.79 13.11
C ASN A 129 5.96 22.75 12.10
N TYR A 130 6.43 24.00 12.08
CA TYR A 130 5.96 24.96 11.07
C TYR A 130 6.57 24.67 9.71
N LEU A 131 7.82 24.21 9.69
CA LEU A 131 8.49 23.92 8.42
C LEU A 131 7.77 22.79 7.68
N TRP A 132 7.46 21.71 8.38
CA TRP A 132 6.75 20.60 7.75
C TRP A 132 5.31 20.97 7.43
N TRP A 133 4.73 21.89 8.19
CA TRP A 133 3.40 22.40 7.84
C TRP A 133 3.43 23.12 6.50
N LEU A 134 4.48 23.89 6.24
CA LEU A 134 4.59 24.60 4.97
C LEU A 134 4.75 23.62 3.82
N ILE A 135 5.56 22.58 4.00
CA ILE A 135 5.78 21.61 2.93
C ILE A 135 4.50 20.82 2.67
N SER A 136 3.79 20.44 3.73
CA SER A 136 2.52 19.73 3.55
C SER A 136 1.49 20.63 2.88
N THR A 137 1.42 21.90 3.30
CA THR A 137 0.52 22.83 2.64
C THR A 137 0.89 23.02 1.17
N GLY A 138 2.20 22.99 0.86
CA GLY A 138 2.61 23.10 -0.52
C GLY A 138 2.02 22.01 -1.40
N SER A 139 2.07 20.77 -0.93
CA SER A 139 1.43 19.68 -1.66
C SER A 139 -0.09 19.83 -1.65
N PHE A 140 -0.64 20.43 -0.61
CA PHE A 140 -2.08 20.67 -0.55
C PHE A 140 -2.53 21.61 -1.65
N LEU A 141 -1.72 22.63 -1.96
CA LEU A 141 -2.07 23.55 -3.05
C LEU A 141 -1.97 22.88 -4.40
N ALA A 142 -1.01 21.97 -4.59
CA ALA A 142 -0.95 21.21 -5.82
C ALA A 142 -2.18 20.32 -5.99
N ILE A 143 -2.70 19.79 -4.88
CA ILE A 143 -3.93 19.01 -4.94
C ILE A 143 -5.11 19.92 -5.29
N LEU A 144 -5.18 21.10 -4.66
CA LEU A 144 -6.25 22.04 -4.98
C LEU A 144 -6.17 22.51 -6.42
N GLY A 145 -4.94 22.69 -6.93
CA GLY A 145 -4.78 23.04 -8.33
C GLY A 145 -5.33 21.98 -9.26
N SER A 146 -5.09 20.71 -8.94
CA SER A 146 -5.62 19.62 -9.76
C SER A 146 -7.14 19.56 -9.71
N LEU A 147 -7.71 19.75 -8.52
CA LEU A 147 -9.17 19.71 -8.38
C LEU A 147 -9.85 20.80 -9.19
N LEU A 148 -9.16 21.91 -9.45
CA LEU A 148 -9.72 23.02 -10.21
C LEU A 148 -9.26 23.02 -11.66
N THR A 149 -8.30 22.17 -12.03
CA THR A 149 -7.81 22.12 -13.40
C THR A 149 -8.19 20.81 -14.08
N GLU A 150 -7.41 19.76 -13.85
CA GLU A 150 -7.64 18.50 -14.53
C GLU A 150 -8.98 17.89 -14.15
N TYR A 151 -9.34 17.96 -12.86
CA TYR A 151 -10.63 17.44 -12.42
C TYR A 151 -11.78 18.18 -13.11
N SER A 152 -11.73 19.51 -13.10
CA SER A 152 -12.85 20.29 -13.64
C SER A 152 -12.88 20.23 -15.17
N ALA A 153 -11.71 20.25 -15.82
CA ALA A 153 -11.68 20.16 -17.27
C ALA A 153 -12.19 18.82 -17.77
N SER A 154 -11.95 17.74 -17.02
CA SER A 154 -12.45 16.43 -17.43
C SER A 154 -13.95 16.33 -17.22
N ALA A 155 -14.43 16.71 -16.03
CA ALA A 155 -15.85 16.56 -15.72
C ALA A 155 -16.72 17.43 -16.61
N LYS A 156 -16.20 18.57 -17.07
CA LYS A 156 -16.96 19.42 -17.98
C LYS A 156 -17.29 18.71 -19.28
N ARG A 157 -16.55 17.67 -19.64
CA ARG A 157 -16.77 16.92 -20.87
C ARG A 157 -17.66 15.69 -20.66
N ARG A 158 -18.28 15.55 -19.49
CA ARG A 158 -19.25 14.50 -19.23
C ARG A 158 -20.65 15.07 -19.34
N ASN A 159 -21.66 14.22 -19.15
CA ASN A 159 -23.03 14.68 -19.23
C ASN A 159 -23.32 15.67 -18.10
N GLY A 160 -24.36 16.49 -18.30
CA GLY A 160 -24.62 17.60 -17.40
C GLY A 160 -24.85 17.18 -15.96
N ARG A 161 -25.44 16.00 -15.76
CA ARG A 161 -25.74 15.56 -14.39
C ARG A 161 -24.50 15.07 -13.65
N ILE A 162 -23.55 14.46 -14.36
CA ILE A 162 -22.31 14.03 -13.72
C ILE A 162 -21.44 15.24 -13.40
N ASN A 163 -21.32 16.18 -14.35
CA ASN A 163 -20.59 17.41 -14.07
C ASN A 163 -21.24 18.20 -12.94
N SER A 164 -22.56 18.13 -12.81
CA SER A 164 -23.26 18.79 -11.71
C SER A 164 -22.92 18.12 -10.38
N LEU A 165 -22.87 16.79 -10.35
CA LEU A 165 -22.54 16.09 -9.13
C LEU A 165 -21.09 16.31 -8.73
N PHE A 166 -20.19 16.36 -9.71
CA PHE A 166 -18.77 16.57 -9.42
C PHE A 166 -18.54 17.93 -8.80
N GLN A 167 -19.14 18.98 -9.38
CA GLN A 167 -18.91 20.34 -8.89
C GLN A 167 -19.42 20.51 -7.46
N THR A 168 -20.54 19.87 -7.13
CA THR A 168 -21.04 19.92 -5.76
C THR A 168 -20.07 19.24 -4.81
N LEU A 169 -19.60 18.04 -5.18
CA LEU A 169 -18.66 17.32 -4.32
C LEU A 169 -17.30 18.02 -4.26
N ARG A 170 -16.88 18.62 -5.38
CA ARG A 170 -15.60 19.32 -5.39
C ARG A 170 -15.64 20.54 -4.47
N ASN A 171 -16.73 21.31 -4.52
CA ASN A 171 -16.85 22.48 -3.65
C ASN A 171 -16.98 22.07 -2.19
N ILE A 172 -17.68 20.96 -1.92
CA ILE A 172 -17.77 20.45 -0.55
C ILE A 172 -16.40 20.03 -0.05
N LEU A 173 -15.65 19.31 -0.88
CA LEU A 173 -14.31 18.87 -0.49
C LEU A 173 -13.40 20.05 -0.21
N ILE A 174 -13.35 21.02 -1.13
CA ILE A 174 -12.40 22.11 -1.01
C ILE A 174 -12.71 22.98 0.20
N VAL A 175 -14.00 23.24 0.46
CA VAL A 175 -14.37 24.07 1.61
C VAL A 175 -14.02 23.38 2.91
N LEU A 176 -14.22 22.05 2.98
CA LEU A 176 -13.95 21.33 4.22
C LEU A 176 -12.46 21.12 4.43
N TRP A 177 -11.73 20.72 3.38
CA TRP A 177 -10.32 20.39 3.54
C TRP A 177 -9.48 21.62 3.85
N ILE A 178 -9.88 22.80 3.36
CA ILE A 178 -9.11 24.01 3.60
C ILE A 178 -9.07 24.37 5.09
N CYS A 179 -10.05 23.90 5.86
CA CYS A 179 -10.08 24.20 7.29
C CYS A 179 -9.15 23.30 8.11
N TYR A 180 -8.76 22.14 7.55
CA TYR A 180 -7.92 21.22 8.31
C TYR A 180 -6.57 21.80 8.70
N PRO A 181 -5.78 22.38 7.78
CA PRO A 181 -4.51 22.98 8.22
C PRO A 181 -4.70 24.18 9.15
N ILE A 182 -5.85 24.86 9.06
CA ILE A 182 -6.10 25.98 9.96
C ILE A 182 -6.35 25.48 11.38
N VAL A 183 -7.12 24.40 11.52
CA VAL A 183 -7.30 23.77 12.83
C VAL A 183 -5.97 23.25 13.35
N TRP A 184 -5.15 22.70 12.45
CA TRP A 184 -3.84 22.18 12.82
C TRP A 184 -2.94 23.29 13.38
N ILE A 185 -2.87 24.42 12.68
CA ILE A 185 -1.99 25.50 13.11
C ILE A 185 -2.53 26.26 14.31
N LEU A 186 -3.84 26.22 14.55
CA LEU A 186 -4.44 26.88 15.71
C LEU A 186 -4.46 26.00 16.95
N GLY A 187 -4.11 24.72 16.82
CA GLY A 187 -4.16 23.78 17.92
C GLY A 187 -2.80 23.55 18.56
N ALA A 188 -2.69 22.41 19.24
CA ALA A 188 -1.47 22.09 19.98
C ALA A 188 -0.28 21.85 19.06
N GLU A 189 -0.52 21.49 17.79
CA GLU A 189 0.58 21.26 16.87
C GLU A 189 1.25 22.55 16.44
N GLY A 190 0.51 23.66 16.41
CA GLY A 190 1.06 24.94 16.04
C GLY A 190 0.96 25.97 17.14
N PHE A 191 0.20 27.03 16.90
CA PHE A 191 -0.05 28.03 17.94
C PHE A 191 -1.11 27.46 18.88
N HIS A 192 -0.74 27.19 20.13
CA HIS A 192 -1.72 26.68 21.09
C HIS A 192 -2.68 27.78 21.50
N VAL A 193 -3.46 28.27 20.53
CA VAL A 193 -4.40 29.36 20.75
C VAL A 193 -5.80 28.86 21.06
N ILE A 194 -6.22 27.78 20.43
CA ILE A 194 -7.47 27.10 20.78
C ILE A 194 -7.14 25.88 21.62
N SER A 195 -8.10 25.46 22.45
CA SER A 195 -7.87 24.32 23.32
C SER A 195 -7.90 23.02 22.53
N VAL A 196 -7.35 21.96 23.14
CA VAL A 196 -7.36 20.64 22.52
C VAL A 196 -8.80 20.15 22.35
N GLY A 197 -9.65 20.43 23.34
CA GLY A 197 -11.05 20.05 23.22
C GLY A 197 -11.75 20.73 22.07
N TRP A 198 -11.50 22.03 21.88
CA TRP A 198 -12.07 22.74 20.74
C TRP A 198 -11.45 22.28 19.43
N GLU A 199 -10.17 21.92 19.45
CA GLU A 199 -9.55 21.33 18.27
C GLU A 199 -10.17 19.97 17.95
N THR A 200 -10.46 19.16 18.97
CA THR A 200 -11.15 17.91 18.75
C THR A 200 -12.56 18.15 18.21
N LEU A 201 -13.22 19.23 18.64
CA LEU A 201 -14.54 19.56 18.13
C LEU A 201 -14.52 19.79 16.63
N CYS A 202 -13.62 20.67 16.17
CA CYS A 202 -13.58 21.03 14.75
C CYS A 202 -13.19 19.84 13.89
N TYR A 203 -12.22 19.04 14.35
CA TYR A 203 -11.80 17.86 13.58
C TYR A 203 -12.96 16.89 13.38
N SER A 204 -13.75 16.66 14.42
CA SER A 204 -14.85 15.70 14.29
C SER A 204 -15.96 16.24 13.40
N VAL A 205 -16.28 17.53 13.53
CA VAL A 205 -17.29 18.12 12.67
C VAL A 205 -16.83 18.09 11.21
N LEU A 206 -15.56 18.40 10.97
CA LEU A 206 -15.02 18.33 9.62
C LEU A 206 -15.00 16.89 9.10
N ASP A 207 -14.57 15.95 9.94
CA ASP A 207 -14.45 14.56 9.51
C ASP A 207 -15.81 13.98 9.12
N VAL A 208 -16.84 14.24 9.92
CA VAL A 208 -18.17 13.71 9.63
C VAL A 208 -18.71 14.35 8.35
N CYS A 209 -18.49 15.65 8.17
CA CYS A 209 -18.92 16.31 6.94
C CYS A 209 -18.13 15.82 5.73
N ALA A 210 -16.82 15.67 5.88
CA ALA A 210 -15.97 15.27 4.76
C ALA A 210 -16.10 13.80 4.41
N LYS A 211 -16.74 12.99 5.25
CA LYS A 211 -16.87 11.57 4.99
C LYS A 211 -18.32 11.12 4.91
N VAL A 212 -19.12 11.36 5.96
CA VAL A 212 -20.51 10.94 5.94
C VAL A 212 -21.34 11.87 5.05
N GLY A 213 -21.25 13.17 5.29
CA GLY A 213 -21.99 14.12 4.46
C GLY A 213 -21.53 14.10 3.01
N PHE A 214 -20.21 13.97 2.80
CA PHE A 214 -19.69 13.86 1.44
C PHE A 214 -20.21 12.60 0.76
N GLY A 215 -20.13 11.47 1.46
CA GLY A 215 -20.63 10.23 0.88
C GLY A 215 -22.12 10.21 0.65
N PHE A 216 -22.89 10.90 1.50
CA PHE A 216 -24.33 10.97 1.32
C PHE A 216 -24.68 11.64 0.00
N VAL A 217 -23.97 12.70 -0.35
CA VAL A 217 -24.21 13.37 -1.63
C VAL A 217 -23.90 12.44 -2.79
N VAL A 218 -22.89 11.59 -2.64
CA VAL A 218 -22.53 10.66 -3.72
C VAL A 218 -23.65 9.67 -3.97
N VAL A 219 -24.09 8.98 -2.91
CA VAL A 219 -25.09 7.92 -3.07
C VAL A 219 -26.47 8.47 -3.39
N SER A 220 -26.73 9.74 -3.05
CA SER A 220 -28.04 10.35 -3.34
C SER A 220 -28.16 10.84 -4.77
N ALA A 221 -27.21 10.48 -5.64
CA ALA A 221 -27.29 10.89 -7.04
C ALA A 221 -28.16 9.96 -7.88
N GLY A 222 -28.43 8.76 -7.39
CA GLY A 222 -29.24 7.81 -8.12
C GLY A 222 -28.41 6.69 -8.71
N ASN A 223 -29.04 5.54 -8.89
CA ASN A 223 -28.34 4.39 -9.47
C ASN A 223 -27.93 4.64 -10.91
N GLU A 224 -28.74 5.38 -11.66
CA GLU A 224 -28.40 5.67 -13.05
C GLU A 224 -27.21 6.62 -13.14
N THR A 225 -27.14 7.60 -12.24
CA THR A 225 -26.05 8.57 -12.28
C THR A 225 -24.71 7.90 -11.96
N LEU A 226 -24.65 7.16 -10.85
CA LEU A 226 -23.40 6.53 -10.43
C LEU A 226 -22.94 5.48 -11.43
N ALA A 227 -23.88 4.75 -12.02
CA ALA A 227 -23.52 3.76 -13.04
C ALA A 227 -22.92 4.44 -14.27
N GLN A 228 -23.44 5.61 -14.63
CA GLN A 228 -22.87 6.35 -15.75
C GLN A 228 -21.51 6.94 -15.40
N ALA A 229 -21.31 7.33 -14.14
CA ALA A 229 -20.04 7.92 -13.75
C ALA A 229 -18.92 6.89 -13.72
N SER A 230 -19.25 5.63 -13.45
CA SER A 230 -18.26 4.56 -13.37
C SER A 230 -18.13 3.77 -14.67
N ASN A 231 -18.97 4.07 -15.66
CA ASN A 231 -18.97 3.30 -16.90
C ASN A 231 -17.65 3.48 -17.65
N SER A 232 -17.07 2.36 -18.11
CA SER A 232 -15.77 2.42 -18.78
C SER A 232 -15.86 3.14 -20.11
N ASP A 233 -16.96 2.94 -20.86
CA ASP A 233 -17.10 3.61 -22.14
C ASP A 233 -17.12 5.13 -21.98
N ARG A 234 -17.87 5.63 -20.98
CA ARG A 234 -17.94 7.07 -20.77
C ARG A 234 -16.65 7.63 -20.21
N ILE A 235 -15.95 6.86 -19.36
CA ILE A 235 -14.70 7.34 -18.78
C ILE A 235 -13.63 7.45 -19.86
N MET A 236 -13.47 6.39 -20.67
CA MET A 236 -12.51 6.45 -21.77
C MET A 236 -12.90 7.52 -22.79
N GLU A 237 -14.20 7.76 -22.96
CA GLU A 237 -14.64 8.85 -23.83
C GLU A 237 -14.26 10.20 -23.25
N THR A 238 -14.37 10.35 -21.92
CA THR A 238 -13.99 11.61 -21.29
C THR A 238 -12.49 11.84 -21.34
N VAL A 239 -11.70 10.80 -21.05
CA VAL A 239 -10.25 10.93 -21.07
C VAL A 239 -9.77 11.31 -22.47
N HIS A 240 -10.34 10.69 -23.50
CA HIS A 240 -9.95 11.01 -24.87
C HIS A 240 -10.27 12.46 -25.20
N SER A 241 -11.50 12.90 -24.91
CA SER A 241 -11.88 14.28 -25.20
C SER A 241 -11.05 15.26 -24.37
N TYR A 242 -10.72 14.90 -23.13
CA TYR A 242 -9.90 15.78 -22.30
C TYR A 242 -8.50 15.94 -22.86
N MET A 243 -8.01 14.95 -23.61
CA MET A 243 -6.65 15.00 -24.12
C MET A 243 -6.52 15.78 -25.43
N GLN A 244 -7.61 16.00 -26.15
CA GLN A 244 -7.57 16.68 -27.44
C GLN A 244 -7.68 18.20 -27.32
N SER A 245 -7.14 18.79 -26.26
CA SER A 245 -7.14 20.24 -26.09
C SER A 245 -6.01 20.69 -25.18
N SER B 5 24.28 14.15 13.35
CA SER B 5 25.29 13.56 12.47
C SER B 5 26.54 14.43 12.41
N SER B 6 27.67 13.81 12.06
CA SER B 6 28.94 14.51 12.04
C SER B 6 28.98 15.54 10.91
N GLY B 7 30.11 16.24 10.81
CA GLY B 7 30.24 17.29 9.82
C GLY B 7 30.19 16.78 8.39
N MET B 8 30.92 15.70 8.11
CA MET B 8 30.90 15.12 6.77
C MET B 8 29.55 14.51 6.46
N THR B 9 28.95 13.82 7.43
CA THR B 9 27.63 13.24 7.22
C THR B 9 26.58 14.31 6.93
N GLN B 10 26.60 15.40 7.72
CA GLN B 10 25.64 16.47 7.51
C GLN B 10 25.87 17.19 6.19
N PHE B 11 27.13 17.32 5.77
CA PHE B 11 27.42 17.96 4.50
C PHE B 11 26.86 17.16 3.33
N TRP B 12 27.05 15.84 3.35
CA TRP B 12 26.62 15.00 2.24
C TRP B 12 25.14 14.65 2.31
N LEU B 13 24.51 14.79 3.47
CA LEU B 13 23.06 14.74 3.51
C LEU B 13 22.44 15.96 2.82
N TRP B 14 23.14 17.09 2.86
CA TRP B 14 22.68 18.29 2.16
C TRP B 14 22.92 18.20 0.66
N VAL B 15 24.00 17.54 0.23
CA VAL B 15 24.25 17.37 -1.20
C VAL B 15 23.15 16.52 -1.82
N GLY B 16 22.76 15.44 -1.15
CA GLY B 16 21.66 14.63 -1.65
C GLY B 16 20.34 15.38 -1.66
N PHE B 17 20.10 16.17 -0.61
CA PHE B 17 18.89 16.98 -0.55
C PHE B 17 18.82 17.93 -1.74
N ILE B 18 19.85 18.77 -1.90
CA ILE B 18 19.87 19.75 -2.99
C ILE B 18 19.73 19.06 -4.34
N GLY B 19 20.38 17.89 -4.49
CA GLY B 19 20.24 17.14 -5.73
C GLY B 19 18.81 16.74 -6.02
N MET B 20 18.10 16.27 -5.00
CA MET B 20 16.70 15.90 -5.19
C MET B 20 15.83 17.13 -5.41
N VAL B 21 16.11 18.22 -4.69
CA VAL B 21 15.33 19.44 -4.87
C VAL B 21 15.46 19.96 -6.29
N ILE B 22 16.68 19.93 -6.84
CA ILE B 22 16.89 20.39 -8.21
C ILE B 22 16.13 19.51 -9.20
N GLY B 23 16.20 18.19 -9.01
CA GLY B 23 15.47 17.29 -9.89
C GLY B 23 13.96 17.46 -9.81
N CYS B 24 13.45 17.85 -8.64
CA CYS B 24 12.02 18.05 -8.48
C CYS B 24 11.52 19.17 -9.38
N ILE B 25 12.23 20.30 -9.40
CA ILE B 25 11.78 21.44 -10.18
C ILE B 25 11.80 21.12 -11.67
N TYR B 26 12.82 20.40 -12.13
CA TYR B 26 12.89 20.03 -13.54
C TYR B 26 11.80 19.02 -13.90
N PHE B 27 11.71 17.92 -13.15
CA PHE B 27 10.70 16.92 -13.44
C PHE B 27 9.30 17.45 -13.19
N GLY B 28 9.13 18.32 -12.19
CA GLY B 28 7.81 18.88 -11.92
C GLY B 28 7.35 19.83 -13.01
N MET B 29 8.27 20.65 -13.54
CA MET B 29 7.92 21.54 -14.64
C MET B 29 7.53 20.76 -15.89
N LYS B 30 8.31 19.72 -16.21
CA LYS B 30 8.00 18.92 -17.40
C LYS B 30 6.73 18.10 -17.23
N ALA B 31 6.40 17.73 -15.99
CA ALA B 31 5.26 16.85 -15.76
C ALA B 31 3.95 17.58 -16.01
N SER B 32 3.81 18.80 -15.48
CA SER B 32 2.59 19.57 -15.66
C SER B 32 2.53 20.26 -17.03
N ALA B 33 3.60 20.19 -17.81
CA ALA B 33 3.58 20.66 -19.20
C ALA B 33 3.16 19.58 -20.18
N MET B 34 3.17 18.31 -19.76
CA MET B 34 2.72 17.19 -20.57
C MET B 34 1.44 16.57 -20.01
N ARG B 35 0.59 17.39 -19.37
CA ARG B 35 -0.52 16.84 -18.60
C ARG B 35 -1.57 16.19 -19.50
N ARG B 36 -1.89 16.82 -20.63
CA ARG B 36 -2.89 16.31 -21.56
C ARG B 36 -2.27 15.48 -22.68
N ARG B 37 -1.06 14.97 -22.48
CA ARG B 37 -0.33 14.27 -23.53
C ARG B 37 0.11 12.90 -23.04
N GLU B 38 0.41 12.03 -23.99
CA GLU B 38 0.90 10.68 -23.68
C GLU B 38 2.39 10.73 -23.35
N GLY B 39 2.82 9.79 -22.52
CA GLY B 39 4.15 9.85 -21.95
C GLY B 39 4.25 10.76 -20.74
N MET B 40 3.12 11.18 -20.17
CA MET B 40 3.14 12.06 -19.01
C MET B 40 3.64 11.34 -17.77
N GLU B 41 3.41 10.03 -17.69
CA GLU B 41 3.74 9.29 -16.48
C GLU B 41 5.24 9.31 -16.19
N PHE B 42 6.07 9.46 -17.22
CA PHE B 42 7.51 9.38 -17.00
C PHE B 42 8.06 10.62 -16.29
N PRO B 43 7.76 11.85 -16.71
CA PRO B 43 8.18 13.00 -15.88
C PRO B 43 7.47 13.04 -14.54
N LEU B 44 6.26 12.49 -14.44
CA LEU B 44 5.54 12.48 -13.17
C LEU B 44 6.15 11.46 -12.22
N GLU B 45 6.44 10.25 -12.71
CA GLU B 45 7.09 9.25 -11.87
C GLU B 45 8.45 9.73 -11.40
N SER B 46 9.23 10.34 -12.30
CA SER B 46 10.53 10.87 -11.92
C SER B 46 10.41 11.98 -10.89
N PHE B 47 9.31 12.74 -10.93
CA PHE B 47 9.12 13.81 -9.97
C PHE B 47 8.82 13.27 -8.57
N PHE B 48 7.86 12.33 -8.49
CA PHE B 48 7.51 11.76 -7.20
C PHE B 48 8.66 10.98 -6.59
N ILE B 49 9.52 10.40 -7.43
CA ILE B 49 10.70 9.68 -6.92
C ILE B 49 11.65 10.65 -6.26
N THR B 50 11.93 11.78 -6.91
CA THR B 50 12.81 12.79 -6.30
C THR B 50 12.12 13.52 -5.16
N LEU B 51 10.79 13.68 -5.23
CA LEU B 51 10.08 14.37 -4.16
C LEU B 51 10.11 13.56 -2.86
N TRP B 52 9.81 12.26 -2.95
CA TRP B 52 9.85 11.41 -1.77
C TRP B 52 11.27 11.27 -1.24
N ALA B 53 12.26 11.23 -2.15
CA ALA B 53 13.65 11.18 -1.71
C ALA B 53 14.10 12.49 -1.10
N ALA B 54 13.57 13.62 -1.58
CA ALA B 54 13.93 14.91 -1.01
C ALA B 54 13.40 15.07 0.41
N ALA B 55 12.15 14.67 0.63
CA ALA B 55 11.57 14.81 1.97
C ALA B 55 12.29 13.92 2.97
N LEU B 56 12.63 12.69 2.57
CA LEU B 56 13.31 11.78 3.49
C LEU B 56 14.73 12.26 3.78
N TYR B 57 15.40 12.83 2.78
CA TYR B 57 16.73 13.41 3.02
C TYR B 57 16.65 14.57 3.99
N LEU B 58 15.56 15.34 3.94
CA LEU B 58 15.38 16.42 4.91
C LEU B 58 15.15 15.88 6.31
N THR B 59 14.43 14.76 6.43
CA THR B 59 14.22 14.16 7.74
C THR B 59 15.53 13.67 8.34
N MET B 60 16.46 13.21 7.51
CA MET B 60 17.77 12.80 8.03
C MET B 60 18.65 13.99 8.35
N ILE B 61 18.51 15.09 7.61
CA ILE B 61 19.21 16.32 7.95
C ILE B 61 18.80 16.79 9.34
N LEU B 62 17.50 16.76 9.62
CA LEU B 62 16.98 17.17 10.91
C LEU B 62 17.06 16.06 11.96
N GLY B 63 17.61 14.90 11.61
CA GLY B 63 17.70 13.81 12.55
C GLY B 63 16.38 13.20 12.95
N GLU B 64 15.32 13.43 12.16
CA GLU B 64 14.01 12.89 12.51
C GLU B 64 13.97 11.37 12.27
N THR B 65 14.64 10.90 11.22
CA THR B 65 14.69 9.49 10.89
C THR B 65 16.08 8.90 11.15
N VAL B 66 16.83 9.52 12.06
CA VAL B 66 18.15 9.05 12.46
C VAL B 66 18.10 8.75 13.95
N THR B 67 18.29 7.49 14.31
CA THR B 67 18.05 7.01 15.66
C THR B 67 19.00 5.88 16.01
N PRO B 68 19.47 5.80 17.26
CA PRO B 68 20.17 4.58 17.70
C PRO B 68 19.17 3.49 18.06
N ILE B 69 19.34 2.32 17.45
CA ILE B 69 18.40 1.20 17.61
C ILE B 69 18.98 0.11 18.53
N ASN B 70 20.17 -0.39 18.20
CA ASN B 70 20.84 -1.42 19.00
C ASN B 70 22.29 -1.01 19.21
N GLY B 71 22.49 0.16 19.78
CA GLY B 71 23.81 0.73 19.97
C GLY B 71 24.29 1.60 18.81
N GLN B 72 24.17 1.08 17.59
CA GLN B 72 24.54 1.80 16.39
C GLN B 72 23.48 2.82 16.03
N THR B 73 23.91 3.87 15.33
CA THR B 73 23.00 4.85 14.76
C THR B 73 22.53 4.36 13.39
N VAL B 74 21.23 4.19 13.23
CA VAL B 74 20.64 3.65 12.01
C VAL B 74 19.93 4.78 11.28
N PHE B 75 20.24 4.93 10.00
CA PHE B 75 19.56 5.89 9.14
C PHE B 75 18.36 5.21 8.49
N TRP B 76 17.36 4.92 9.32
CA TRP B 76 16.20 4.19 8.84
C TRP B 76 15.32 5.00 7.89
N GLY B 77 15.60 6.29 7.71
CA GLY B 77 14.90 7.06 6.70
C GLY B 77 15.25 6.64 5.29
N ARG B 78 16.43 6.04 5.09
CA ARG B 78 16.81 5.56 3.78
C ARG B 78 15.90 4.44 3.31
N TYR B 79 15.51 3.55 4.22
CA TYR B 79 14.65 2.43 3.86
C TYR B 79 13.21 2.87 3.66
N ILE B 80 12.77 3.92 4.38
CA ILE B 80 11.50 4.56 4.04
C ILE B 80 11.59 5.16 2.64
N ASP B 81 12.75 5.70 2.29
CA ASP B 81 12.96 6.24 0.95
C ASP B 81 13.02 5.13 -0.09
N TRP B 82 13.85 4.10 0.17
CA TRP B 82 14.14 3.10 -0.86
C TRP B 82 12.92 2.23 -1.15
N VAL B 83 12.16 1.84 -0.12
CA VAL B 83 11.01 0.98 -0.30
C VAL B 83 9.91 1.63 -1.14
N VAL B 84 10.01 2.93 -1.40
CA VAL B 84 9.06 3.66 -2.23
C VAL B 84 9.66 3.99 -3.60
N THR B 85 10.88 4.53 -3.61
CA THR B 85 11.46 5.02 -4.85
C THR B 85 11.91 3.87 -5.76
N THR B 86 12.50 2.82 -5.19
CA THR B 86 13.03 1.74 -6.00
C THR B 86 11.93 0.92 -6.67
N PRO B 87 10.79 0.63 -6.02
CA PRO B 87 9.69 0.00 -6.78
C PRO B 87 9.14 0.88 -7.88
N LEU B 88 9.09 2.20 -7.65
CA LEU B 88 8.64 3.11 -8.70
C LEU B 88 9.63 3.15 -9.86
N LEU B 89 10.93 3.04 -9.56
CA LEU B 89 11.93 3.05 -10.62
C LEU B 89 11.84 1.81 -11.49
N LEU B 90 11.59 0.65 -10.87
CA LEU B 90 11.42 -0.58 -11.64
C LEU B 90 10.11 -0.57 -12.42
N MET B 91 9.07 0.05 -11.86
CA MET B 91 7.80 0.15 -12.58
C MET B 91 7.92 1.07 -13.79
N GLU B 92 8.56 2.23 -13.59
CA GLU B 92 8.79 3.14 -14.71
C GLU B 92 9.65 2.48 -15.79
N LEU B 93 10.66 1.72 -15.38
CA LEU B 93 11.45 0.96 -16.34
C LEU B 93 10.65 -0.16 -16.97
N GLY B 94 9.72 -0.75 -16.22
CA GLY B 94 8.89 -1.81 -16.78
C GLY B 94 7.92 -1.32 -17.83
N VAL B 95 7.41 -0.10 -17.69
CA VAL B 95 6.51 0.45 -18.70
C VAL B 95 7.30 0.84 -19.96
N ILE B 96 8.50 1.39 -19.79
CA ILE B 96 9.32 1.74 -20.94
C ILE B 96 9.69 0.48 -21.72
N ALA B 97 10.00 -0.60 -21.01
CA ALA B 97 10.30 -1.87 -21.67
C ALA B 97 9.06 -2.56 -22.22
N GLY B 98 7.87 -2.04 -21.93
CA GLY B 98 6.66 -2.71 -22.37
C GLY B 98 6.43 -4.03 -21.68
N LEU B 99 6.79 -4.11 -20.41
CA LEU B 99 6.66 -5.36 -19.67
C LEU B 99 5.21 -5.61 -19.27
N ARG B 100 4.88 -6.89 -19.14
CA ARG B 100 3.53 -7.27 -18.72
C ARG B 100 3.26 -6.73 -17.32
N PRO B 101 2.08 -6.14 -17.08
CA PRO B 101 1.83 -5.50 -15.78
C PRO B 101 1.89 -6.46 -14.60
N LYS B 102 1.56 -7.73 -14.80
CA LYS B 102 1.56 -8.68 -13.68
C LYS B 102 2.98 -9.00 -13.21
N LEU B 103 3.94 -9.05 -14.13
CA LEU B 103 5.33 -9.29 -13.75
C LEU B 103 6.04 -8.02 -13.29
N ILE B 104 5.55 -6.85 -13.68
CA ILE B 104 6.03 -5.61 -13.07
C ILE B 104 5.73 -5.62 -11.59
N ALA B 105 4.51 -6.03 -11.21
CA ALA B 105 4.16 -6.10 -9.80
C ALA B 105 5.02 -7.13 -9.07
N GLY B 106 5.31 -8.26 -9.71
CA GLY B 106 6.16 -9.25 -9.09
C GLY B 106 7.57 -8.74 -8.87
N VAL B 107 8.12 -8.03 -9.86
CA VAL B 107 9.45 -7.45 -9.70
C VAL B 107 9.44 -6.41 -8.58
N MET B 108 8.35 -5.64 -8.47
CA MET B 108 8.24 -4.65 -7.41
C MET B 108 8.13 -5.33 -6.04
N GLY B 109 7.41 -6.45 -5.97
CA GLY B 109 7.33 -7.17 -4.71
C GLY B 109 8.68 -7.71 -4.27
N ALA B 110 9.47 -8.22 -5.22
CA ALA B 110 10.83 -8.65 -4.90
C ALA B 110 11.69 -7.48 -4.45
N ASP B 111 11.44 -6.28 -4.97
CA ASP B 111 12.22 -5.12 -4.57
C ASP B 111 11.88 -4.67 -3.16
N ILE B 112 10.59 -4.69 -2.80
CA ILE B 112 10.19 -4.35 -1.45
C ILE B 112 10.77 -5.36 -0.45
N PHE B 113 10.78 -6.64 -0.84
CA PHE B 113 11.39 -7.67 0.00
C PHE B 113 12.87 -7.39 0.21
N MET B 114 13.56 -6.89 -0.82
CA MET B 114 14.98 -6.59 -0.69
C MET B 114 15.21 -5.44 0.28
N ILE B 115 14.40 -4.38 0.18
CA ILE B 115 14.57 -3.23 1.06
C ILE B 115 14.21 -3.60 2.50
N VAL B 116 13.13 -4.36 2.68
CA VAL B 116 12.70 -4.72 4.03
C VAL B 116 13.73 -5.61 4.70
N THR B 117 14.18 -6.66 3.99
CA THR B 117 15.19 -7.54 4.58
C THR B 117 16.51 -6.81 4.79
N GLY B 118 16.82 -5.84 3.94
CA GLY B 118 17.99 -5.00 4.19
C GLY B 118 17.83 -4.11 5.41
N PHE B 119 16.60 -3.68 5.69
CA PHE B 119 16.36 -2.87 6.88
C PHE B 119 16.51 -3.70 8.14
N ILE B 120 16.10 -4.98 8.09
CA ILE B 120 16.26 -5.86 9.24
C ILE B 120 17.74 -5.99 9.60
N GLY B 121 18.60 -6.12 8.58
CA GLY B 121 20.02 -6.21 8.84
C GLY B 121 20.61 -4.93 9.37
N ALA B 122 20.06 -3.78 8.98
CA ALA B 122 20.58 -2.50 9.44
C ALA B 122 20.41 -2.33 10.94
N VAL B 123 19.42 -2.99 11.53
CA VAL B 123 19.11 -2.84 12.94
C VAL B 123 19.46 -4.10 13.73
N GLU B 124 20.17 -5.04 13.13
CA GLU B 124 20.47 -6.32 13.76
C GLU B 124 21.91 -6.35 14.26
N ALA B 125 22.22 -7.46 14.95
CA ALA B 125 23.54 -7.66 15.54
C ALA B 125 24.53 -8.14 14.50
N PRO B 126 25.82 -7.92 14.74
CA PRO B 126 26.86 -8.32 13.76
C PRO B 126 26.77 -9.79 13.36
N PRO B 127 26.28 -10.69 14.22
CA PRO B 127 25.99 -12.04 13.71
C PRO B 127 24.89 -12.06 12.65
N TYR B 128 23.75 -11.42 12.91
CA TYR B 128 22.57 -11.58 12.08
C TYR B 128 22.41 -10.51 11.01
N ASN B 129 23.23 -9.45 11.03
CA ASN B 129 23.15 -8.46 9.95
C ASN B 129 23.75 -9.01 8.66
N TYR B 130 24.76 -9.86 8.76
CA TYR B 130 25.31 -10.49 7.56
C TYR B 130 24.35 -11.53 6.99
N LEU B 131 23.59 -12.21 7.86
CA LEU B 131 22.63 -13.19 7.38
C LEU B 131 21.53 -12.54 6.55
N TRP B 132 21.01 -11.40 7.02
CA TRP B 132 19.97 -10.69 6.29
C TRP B 132 20.52 -9.97 5.07
N TRP B 133 21.82 -9.63 5.09
CA TRP B 133 22.44 -9.05 3.89
C TRP B 133 22.46 -10.07 2.76
N LEU B 134 22.73 -11.34 3.08
CA LEU B 134 22.74 -12.38 2.06
C LEU B 134 21.33 -12.64 1.53
N ILE B 135 20.35 -12.69 2.43
CA ILE B 135 18.96 -12.84 2.00
C ILE B 135 18.55 -11.64 1.14
N SER B 136 18.93 -10.44 1.56
CA SER B 136 18.61 -9.25 0.76
C SER B 136 19.32 -9.30 -0.58
N THR B 137 20.58 -9.74 -0.60
CA THR B 137 21.31 -9.83 -1.86
C THR B 137 20.75 -10.91 -2.77
N GLY B 138 20.16 -11.96 -2.19
CA GLY B 138 19.59 -13.02 -3.02
C GLY B 138 18.47 -12.52 -3.92
N SER B 139 17.54 -11.74 -3.35
CA SER B 139 16.47 -11.18 -4.15
C SER B 139 16.98 -10.13 -5.12
N PHE B 140 18.10 -9.48 -4.79
CA PHE B 140 18.70 -8.51 -5.70
C PHE B 140 19.19 -9.18 -6.97
N LEU B 141 19.73 -10.40 -6.85
CA LEU B 141 20.16 -11.13 -8.04
C LEU B 141 18.98 -11.57 -8.89
N ALA B 142 17.88 -11.95 -8.24
CA ALA B 142 16.67 -12.30 -8.98
C ALA B 142 16.11 -11.11 -9.75
N ILE B 143 16.23 -9.91 -9.18
CA ILE B 143 15.80 -8.71 -9.88
C ILE B 143 16.75 -8.40 -11.03
N LEU B 144 18.06 -8.54 -10.79
CA LEU B 144 19.02 -8.38 -11.87
C LEU B 144 18.78 -9.39 -12.97
N GLY B 145 18.34 -10.60 -12.61
CA GLY B 145 17.96 -11.57 -13.62
C GLY B 145 16.79 -11.10 -14.46
N SER B 146 15.71 -10.68 -13.80
CA SER B 146 14.54 -10.20 -14.52
C SER B 146 14.88 -8.98 -15.38
N LEU B 147 15.79 -8.13 -14.91
CA LEU B 147 16.21 -7.00 -15.71
C LEU B 147 16.95 -7.44 -16.97
N LEU B 148 17.69 -8.54 -16.89
CA LEU B 148 18.45 -9.04 -18.03
C LEU B 148 17.66 -10.02 -18.88
N THR B 149 16.54 -10.56 -18.38
CA THR B 149 15.76 -11.53 -19.13
C THR B 149 14.44 -10.88 -19.52
N GLU B 150 13.42 -10.90 -18.66
CA GLU B 150 12.08 -10.48 -19.07
C GLU B 150 12.05 -9.02 -19.49
N TYR B 151 12.77 -8.16 -18.77
CA TYR B 151 12.83 -6.74 -19.13
C TYR B 151 13.42 -6.56 -20.52
N SER B 152 14.53 -7.25 -20.80
CA SER B 152 15.17 -7.13 -22.10
C SER B 152 14.43 -7.92 -23.19
N ALA B 153 13.76 -9.00 -22.82
CA ALA B 153 13.03 -9.81 -23.79
C ALA B 153 11.69 -9.21 -24.21
N SER B 154 11.23 -8.17 -23.51
CA SER B 154 10.03 -7.44 -23.92
C SER B 154 10.35 -6.12 -24.60
N ALA B 155 11.48 -5.49 -24.26
CA ALA B 155 11.91 -4.29 -24.94
C ALA B 155 12.41 -4.56 -26.35
N LYS B 156 12.85 -5.79 -26.63
CA LYS B 156 13.27 -6.15 -27.98
C LYS B 156 12.09 -6.13 -28.96
N ARG B 157 10.88 -6.45 -28.46
CA ARG B 157 9.66 -6.58 -29.25
C ARG B 157 8.97 -5.23 -29.47
N ARG B 158 9.66 -4.12 -29.24
CA ARG B 158 9.06 -2.80 -29.35
C ARG B 158 9.91 -1.93 -30.28
N ASN B 159 9.46 -0.68 -30.45
CA ASN B 159 10.10 0.26 -31.37
C ASN B 159 11.60 0.34 -31.11
N GLY B 160 12.37 0.39 -32.20
CA GLY B 160 13.82 0.28 -32.09
C GLY B 160 14.46 1.36 -31.25
N ARG B 161 13.90 2.57 -31.27
CA ARG B 161 14.45 3.66 -30.44
C ARG B 161 13.95 3.60 -29.01
N ILE B 162 12.87 2.85 -28.75
CA ILE B 162 12.48 2.57 -27.36
C ILE B 162 13.42 1.54 -26.75
N ASN B 163 13.75 0.50 -27.51
CA ASN B 163 14.64 -0.53 -27.01
C ASN B 163 16.01 0.03 -26.67
N SER B 164 16.47 1.03 -27.44
CA SER B 164 17.73 1.68 -27.12
C SER B 164 17.61 2.50 -25.85
N LEU B 165 16.47 3.17 -25.65
CA LEU B 165 16.26 3.91 -24.41
C LEU B 165 16.25 2.98 -23.21
N PHE B 166 15.62 1.80 -23.35
CA PHE B 166 15.57 0.86 -22.24
C PHE B 166 16.97 0.38 -21.86
N GLN B 167 17.73 -0.09 -22.85
CA GLN B 167 19.05 -0.65 -22.55
C GLN B 167 19.97 0.38 -21.92
N THR B 168 19.82 1.66 -22.30
CA THR B 168 20.61 2.70 -21.66
C THR B 168 20.23 2.85 -20.18
N LEU B 169 18.93 3.00 -19.90
CA LEU B 169 18.50 3.18 -18.51
C LEU B 169 18.78 1.94 -17.67
N ARG B 170 18.59 0.75 -18.24
CA ARG B 170 18.79 -0.49 -17.49
C ARG B 170 20.25 -0.67 -17.12
N ASN B 171 21.16 -0.43 -18.07
CA ASN B 171 22.58 -0.55 -17.76
C ASN B 171 23.03 0.52 -16.78
N ILE B 172 22.41 1.70 -16.82
CA ILE B 172 22.65 2.70 -15.79
C ILE B 172 22.17 2.18 -14.44
N LEU B 173 20.98 1.57 -14.43
CA LEU B 173 20.41 1.07 -13.18
C LEU B 173 21.24 -0.06 -12.60
N ILE B 174 21.68 -1.00 -13.44
CA ILE B 174 22.37 -2.19 -12.94
C ILE B 174 23.70 -1.82 -12.31
N VAL B 175 24.49 -0.98 -12.99
CA VAL B 175 25.79 -0.60 -12.47
C VAL B 175 25.64 0.22 -11.19
N LEU B 176 24.62 1.08 -11.12
CA LEU B 176 24.42 1.92 -9.94
C LEU B 176 23.93 1.10 -8.76
N TRP B 177 22.92 0.25 -8.98
CA TRP B 177 22.34 -0.53 -7.88
C TRP B 177 23.30 -1.54 -7.30
N ILE B 178 24.34 -1.94 -8.05
CA ILE B 178 25.25 -2.97 -7.58
C ILE B 178 26.14 -2.47 -6.44
N CYS B 179 26.44 -1.17 -6.44
CA CYS B 179 27.30 -0.58 -5.41
C CYS B 179 26.60 -0.41 -4.06
N TYR B 180 25.27 -0.38 -4.05
CA TYR B 180 24.55 -0.22 -2.79
C TYR B 180 24.86 -1.33 -1.78
N PRO B 181 24.82 -2.62 -2.14
CA PRO B 181 25.26 -3.65 -1.17
C PRO B 181 26.71 -3.51 -0.77
N ILE B 182 27.56 -3.00 -1.67
CA ILE B 182 28.97 -2.83 -1.35
C ILE B 182 29.14 -1.81 -0.24
N VAL B 183 28.47 -0.66 -0.36
CA VAL B 183 28.55 0.37 0.67
C VAL B 183 27.94 -0.13 1.97
N TRP B 184 26.79 -0.81 1.88
CA TRP B 184 26.12 -1.35 3.07
C TRP B 184 27.03 -2.30 3.83
N ILE B 185 27.62 -3.27 3.12
CA ILE B 185 28.44 -4.28 3.79
C ILE B 185 29.77 -3.70 4.26
N LEU B 186 30.24 -2.65 3.61
CA LEU B 186 31.46 -1.97 4.02
C LEU B 186 31.21 -0.85 5.02
N GLY B 187 29.96 -0.45 5.20
CA GLY B 187 29.62 0.63 6.10
C GLY B 187 29.39 0.16 7.53
N ALA B 188 28.64 0.98 8.28
CA ALA B 188 28.38 0.68 9.67
C ALA B 188 27.44 -0.51 9.85
N GLU B 189 26.63 -0.83 8.84
CA GLU B 189 25.68 -1.93 8.96
C GLU B 189 26.38 -3.29 8.87
N GLY B 190 27.51 -3.36 8.19
CA GLY B 190 28.27 -4.59 8.10
C GLY B 190 29.62 -4.48 8.74
N PHE B 191 30.68 -4.79 8.00
CA PHE B 191 32.04 -4.56 8.48
C PHE B 191 32.31 -3.06 8.46
N HIS B 192 32.50 -2.45 9.62
CA HIS B 192 32.74 -1.02 9.70
C HIS B 192 34.13 -0.66 9.18
N VAL B 193 34.37 -0.88 7.89
CA VAL B 193 35.67 -0.55 7.31
C VAL B 193 35.71 0.89 6.82
N ILE B 194 34.57 1.46 6.42
CA ILE B 194 34.48 2.86 6.05
C ILE B 194 33.64 3.57 7.10
N SER B 195 33.95 4.85 7.32
CA SER B 195 33.25 5.61 8.33
C SER B 195 31.83 5.94 7.88
N VAL B 196 30.99 6.32 8.85
CA VAL B 196 29.62 6.71 8.54
C VAL B 196 29.62 7.96 7.66
N GLY B 197 30.55 8.87 7.90
CA GLY B 197 30.65 10.06 7.05
C GLY B 197 31.00 9.72 5.62
N TRP B 198 31.99 8.84 5.44
CA TRP B 198 32.35 8.40 4.09
C TRP B 198 31.25 7.55 3.47
N GLU B 199 30.50 6.81 4.30
CA GLU B 199 29.42 5.99 3.78
C GLU B 199 28.27 6.83 3.23
N THR B 200 27.96 7.95 3.90
CA THR B 200 26.89 8.82 3.43
C THR B 200 27.27 9.51 2.13
N LEU B 201 28.56 9.78 1.91
CA LEU B 201 29.01 10.31 0.64
C LEU B 201 28.60 9.40 -0.51
N CYS B 202 28.87 8.10 -0.37
CA CYS B 202 28.54 7.15 -1.42
C CYS B 202 27.04 7.08 -1.66
N TYR B 203 26.25 7.05 -0.59
CA TYR B 203 24.81 6.95 -0.73
C TYR B 203 24.23 8.20 -1.41
N SER B 204 24.78 9.38 -1.08
CA SER B 204 24.31 10.61 -1.71
C SER B 204 24.66 10.63 -3.19
N VAL B 205 25.89 10.27 -3.54
CA VAL B 205 26.31 10.25 -4.94
C VAL B 205 25.48 9.25 -5.72
N LEU B 206 25.24 8.08 -5.14
CA LEU B 206 24.47 7.04 -5.82
C LEU B 206 23.01 7.46 -5.99
N ASP B 207 22.41 8.03 -4.94
CA ASP B 207 21.00 8.39 -5.00
C ASP B 207 20.73 9.46 -6.04
N VAL B 208 21.60 10.48 -6.13
CA VAL B 208 21.39 11.52 -7.10
C VAL B 208 21.59 10.99 -8.52
N CYS B 209 22.51 10.04 -8.70
CA CYS B 209 22.72 9.43 -10.01
C CYS B 209 21.55 8.55 -10.40
N ALA B 210 21.07 7.74 -9.46
CA ALA B 210 20.01 6.77 -9.77
C ALA B 210 18.62 7.38 -9.77
N LYS B 211 18.48 8.65 -9.40
CA LYS B 211 17.17 9.29 -9.36
C LYS B 211 17.09 10.51 -10.27
N VAL B 212 17.99 11.48 -10.10
CA VAL B 212 17.97 12.65 -10.97
C VAL B 212 18.72 12.37 -12.26
N GLY B 213 19.87 11.69 -12.17
CA GLY B 213 20.57 11.30 -13.38
C GLY B 213 19.77 10.30 -14.21
N PHE B 214 19.23 9.28 -13.54
CA PHE B 214 18.36 8.32 -14.23
C PHE B 214 17.14 9.01 -14.80
N GLY B 215 16.46 9.84 -13.98
CA GLY B 215 15.26 10.50 -14.43
C GLY B 215 15.51 11.50 -15.54
N PHE B 216 16.71 12.08 -15.59
CA PHE B 216 17.02 13.02 -16.66
C PHE B 216 17.02 12.32 -18.02
N VAL B 217 17.67 11.16 -18.09
CA VAL B 217 17.76 10.42 -19.35
C VAL B 217 16.38 10.00 -19.84
N VAL B 218 15.46 9.74 -18.91
CA VAL B 218 14.11 9.34 -19.31
C VAL B 218 13.39 10.50 -19.99
N VAL B 219 13.34 11.65 -19.34
CA VAL B 219 12.66 12.80 -19.92
C VAL B 219 13.46 13.40 -21.08
N SER B 220 14.77 13.17 -21.13
CA SER B 220 15.59 13.64 -22.24
C SER B 220 15.46 12.78 -23.48
N ALA B 221 14.42 11.97 -23.59
CA ALA B 221 14.24 11.07 -24.73
C ALA B 221 13.31 11.64 -25.80
N GLY B 222 12.67 12.77 -25.54
CA GLY B 222 11.73 13.34 -26.49
C GLY B 222 10.29 13.00 -26.13
N ASN B 223 9.38 13.88 -26.54
CA ASN B 223 7.97 13.71 -26.17
C ASN B 223 7.29 12.63 -27.01
N GLU B 224 7.56 12.60 -28.32
CA GLU B 224 6.96 11.58 -29.16
C GLU B 224 7.52 10.19 -28.85
N THR B 225 8.72 10.11 -28.26
CA THR B 225 9.27 8.83 -27.83
C THR B 225 8.57 8.33 -26.57
N LEU B 226 8.46 9.19 -25.56
CA LEU B 226 7.80 8.79 -24.32
C LEU B 226 6.31 8.54 -24.53
N ALA B 227 5.71 9.20 -25.52
CA ALA B 227 4.32 8.89 -25.88
C ALA B 227 4.22 7.47 -26.40
N GLN B 228 5.15 7.05 -27.26
CA GLN B 228 5.14 5.70 -27.77
C GLN B 228 5.46 4.68 -26.67
N ALA B 229 6.26 5.07 -25.68
CA ALA B 229 6.60 4.18 -24.59
C ALA B 229 5.42 3.88 -23.66
N SER B 230 4.44 4.78 -23.60
CA SER B 230 3.31 4.63 -22.68
C SER B 230 2.07 4.03 -23.33
N ASN B 231 2.05 3.90 -24.65
CA ASN B 231 0.89 3.32 -25.34
C ASN B 231 0.77 1.84 -25.04
N SER C 6 10.33 -21.25 24.74
CA SER C 6 9.67 -22.36 25.40
C SER C 6 10.33 -23.69 25.08
N GLY C 7 11.10 -23.70 24.00
CA GLY C 7 11.62 -24.92 23.40
C GLY C 7 10.61 -25.56 22.47
N MET C 8 9.33 -25.51 22.85
CA MET C 8 8.27 -25.96 21.96
C MET C 8 7.93 -24.90 20.92
N THR C 9 7.92 -23.62 21.31
CA THR C 9 7.68 -22.56 20.35
C THR C 9 8.80 -22.47 19.33
N GLN C 10 10.04 -22.49 19.80
CA GLN C 10 11.19 -22.45 18.89
C GLN C 10 11.16 -23.63 17.94
N PHE C 11 10.73 -24.81 18.42
CA PHE C 11 10.64 -25.98 17.56
C PHE C 11 9.59 -25.77 16.48
N TRP C 12 8.41 -25.29 16.86
CA TRP C 12 7.33 -25.14 15.91
C TRP C 12 7.43 -23.86 15.09
N LEU C 13 8.21 -22.87 15.55
CA LEU C 13 8.57 -21.78 14.66
C LEU C 13 9.48 -22.26 13.55
N TRP C 14 10.31 -23.27 13.82
CA TRP C 14 11.15 -23.85 12.77
C TRP C 14 10.32 -24.69 11.80
N VAL C 15 9.30 -25.37 12.32
CA VAL C 15 8.44 -26.18 11.46
C VAL C 15 7.72 -25.30 10.44
N GLY C 16 7.15 -24.19 10.91
CA GLY C 16 6.52 -23.26 9.99
C GLY C 16 7.51 -22.65 9.01
N PHE C 17 8.70 -22.31 9.49
CA PHE C 17 9.72 -21.73 8.61
C PHE C 17 10.19 -22.73 7.56
N ILE C 18 10.42 -23.99 7.98
CA ILE C 18 10.82 -25.01 7.02
C ILE C 18 9.69 -25.31 6.05
N GLY C 19 8.44 -25.32 6.54
CA GLY C 19 7.32 -25.56 5.65
C GLY C 19 7.15 -24.47 4.61
N MET C 20 7.40 -23.22 4.99
CA MET C 20 7.32 -22.13 4.02
C MET C 20 8.46 -22.18 3.01
N VAL C 21 9.65 -22.57 3.46
CA VAL C 21 10.79 -22.64 2.55
C VAL C 21 10.59 -23.74 1.52
N ILE C 22 10.07 -24.90 1.95
CA ILE C 22 9.76 -25.97 1.02
C ILE C 22 8.73 -25.52 0.00
N GLY C 23 7.72 -24.78 0.45
CA GLY C 23 6.75 -24.23 -0.48
C GLY C 23 7.36 -23.23 -1.44
N CYS C 24 8.39 -22.50 -1.00
CA CYS C 24 9.08 -21.57 -1.88
C CYS C 24 9.79 -22.30 -3.00
N ILE C 25 10.49 -23.39 -2.68
CA ILE C 25 11.20 -24.17 -3.68
C ILE C 25 10.23 -24.76 -4.70
N TYR C 26 9.07 -25.25 -4.22
CA TYR C 26 8.12 -25.90 -5.11
C TYR C 26 7.45 -24.89 -6.03
N PHE C 27 6.88 -23.83 -5.46
CA PHE C 27 6.16 -22.85 -6.28
C PHE C 27 7.12 -22.05 -7.16
N GLY C 28 8.32 -21.77 -6.66
CA GLY C 28 9.31 -21.08 -7.47
C GLY C 28 9.75 -21.91 -8.67
N MET C 29 9.87 -23.23 -8.48
CA MET C 29 10.22 -24.10 -9.59
C MET C 29 9.10 -24.15 -10.63
N LYS C 30 7.84 -24.26 -10.18
CA LYS C 30 6.73 -24.29 -11.11
C LYS C 30 6.51 -22.93 -11.76
N ALA C 31 6.84 -21.85 -11.07
CA ALA C 31 6.68 -20.52 -11.66
C ALA C 31 7.68 -20.29 -12.78
N SER C 32 8.96 -20.65 -12.54
CA SER C 32 9.99 -20.51 -13.55
C SER C 32 9.86 -21.53 -14.68
N ALA C 33 8.96 -22.50 -14.53
CA ALA C 33 8.62 -23.43 -15.60
C ALA C 33 7.34 -23.05 -16.34
N MET C 34 6.74 -21.91 -15.98
CA MET C 34 5.52 -21.41 -16.61
C MET C 34 5.71 -19.97 -17.04
N ARG C 35 6.90 -19.65 -17.55
CA ARG C 35 7.28 -18.26 -17.81
C ARG C 35 6.36 -17.58 -18.82
N ARG C 36 6.44 -17.97 -20.09
CA ARG C 36 5.60 -17.35 -21.11
C ARG C 36 4.28 -18.10 -21.32
N ARG C 37 4.01 -19.13 -20.52
CA ARG C 37 2.66 -19.64 -20.42
C ARG C 37 1.78 -18.61 -19.71
N GLU C 38 0.46 -18.81 -19.79
CA GLU C 38 -0.48 -18.00 -19.05
C GLU C 38 -1.07 -18.84 -17.92
N GLY C 39 -1.49 -18.15 -16.86
CA GLY C 39 -1.62 -18.77 -15.57
C GLY C 39 -0.35 -18.75 -14.76
N MET C 40 0.69 -18.05 -15.25
CA MET C 40 1.95 -17.95 -14.52
C MET C 40 1.77 -17.25 -13.18
N GLU C 41 0.75 -16.39 -13.05
CA GLU C 41 0.58 -15.60 -11.85
C GLU C 41 0.30 -16.49 -10.64
N PHE C 42 -0.34 -17.64 -10.85
CA PHE C 42 -0.76 -18.47 -9.71
C PHE C 42 0.44 -19.06 -8.98
N PRO C 43 1.36 -19.79 -9.62
CA PRO C 43 2.54 -20.27 -8.88
C PRO C 43 3.46 -19.15 -8.44
N LEU C 44 3.43 -17.99 -9.12
CA LEU C 44 4.23 -16.86 -8.70
C LEU C 44 3.60 -16.16 -7.50
N GLU C 45 2.27 -16.02 -7.48
CA GLU C 45 1.59 -15.51 -6.30
C GLU C 45 1.80 -16.45 -5.12
N SER C 46 1.65 -17.75 -5.34
CA SER C 46 1.87 -18.72 -4.28
C SER C 46 3.30 -18.69 -3.79
N PHE C 47 4.25 -18.39 -4.67
CA PHE C 47 5.66 -18.31 -4.27
C PHE C 47 5.90 -17.11 -3.37
N PHE C 48 5.38 -15.94 -3.76
CA PHE C 48 5.57 -14.74 -2.94
C PHE C 48 4.88 -14.87 -1.59
N ILE C 49 3.73 -15.55 -1.53
CA ILE C 49 3.04 -15.75 -0.26
C ILE C 49 3.92 -16.57 0.68
N THR C 50 4.52 -17.64 0.18
CA THR C 50 5.38 -18.47 1.01
C THR C 50 6.69 -17.76 1.33
N LEU C 51 7.15 -16.86 0.44
CA LEU C 51 8.40 -16.15 0.69
C LEU C 51 8.23 -15.11 1.78
N TRP C 52 7.14 -14.34 1.74
CA TRP C 52 6.87 -13.36 2.79
C TRP C 52 6.66 -14.05 4.13
N ALA C 53 5.99 -15.21 4.13
CA ALA C 53 5.77 -15.94 5.37
C ALA C 53 7.05 -16.57 5.88
N ALA C 54 7.92 -17.03 4.97
CA ALA C 54 9.19 -17.61 5.39
C ALA C 54 10.08 -16.56 6.04
N ALA C 55 10.15 -15.37 5.46
CA ALA C 55 10.98 -14.31 6.03
C ALA C 55 10.45 -13.86 7.39
N LEU C 56 9.13 -13.70 7.51
CA LEU C 56 8.56 -13.29 8.78
C LEU C 56 8.72 -14.37 9.85
N TYR C 57 8.66 -15.65 9.45
CA TYR C 57 8.91 -16.73 10.41
C TYR C 57 10.36 -16.72 10.86
N LEU C 58 11.28 -16.29 10.01
CA LEU C 58 12.68 -16.18 10.41
C LEU C 58 12.86 -15.05 11.41
N THR C 59 12.15 -13.93 11.22
CA THR C 59 12.23 -12.82 12.16
C THR C 59 11.70 -13.22 13.53
N MET C 60 10.76 -14.17 13.58
CA MET C 60 10.26 -14.65 14.86
C MET C 60 11.20 -15.65 15.51
N ILE C 61 11.88 -16.48 14.70
CA ILE C 61 12.87 -17.40 15.25
C ILE C 61 14.00 -16.62 15.92
N LEU C 62 14.47 -15.56 15.27
CA LEU C 62 15.50 -14.72 15.85
C LEU C 62 14.96 -13.73 16.89
N GLY C 63 13.68 -13.84 17.25
CA GLY C 63 13.09 -12.90 18.19
C GLY C 63 13.02 -11.47 17.72
N GLU C 64 13.23 -11.20 16.43
CA GLU C 64 13.22 -9.82 15.96
C GLU C 64 11.82 -9.24 15.95
N THR C 65 10.81 -10.05 15.69
CA THR C 65 9.41 -9.62 15.67
C THR C 65 8.60 -10.24 16.80
N VAL C 66 9.27 -10.63 17.88
CA VAL C 66 8.63 -11.13 19.08
C VAL C 66 9.11 -10.27 20.24
N THR C 67 8.18 -9.51 20.83
CA THR C 67 8.56 -8.47 21.78
C THR C 67 7.52 -8.32 22.89
N PRO C 68 7.96 -8.21 24.15
CA PRO C 68 7.03 -7.83 25.22
C PRO C 68 6.52 -6.41 25.00
N ILE C 69 5.21 -6.28 24.78
CA ILE C 69 4.62 -4.99 24.45
C ILE C 69 4.26 -4.26 25.74
N ASN C 70 3.22 -4.71 26.42
CA ASN C 70 2.95 -4.28 27.78
C ASN C 70 3.42 -5.31 28.79
N GLY C 71 4.26 -6.25 28.36
CA GLY C 71 4.76 -7.32 29.20
C GLY C 71 4.27 -8.69 28.79
N GLN C 72 3.26 -8.75 27.92
CA GLN C 72 2.84 -9.99 27.30
C GLN C 72 3.62 -10.20 26.01
N THR C 73 4.15 -11.41 25.83
CA THR C 73 4.93 -11.70 24.64
C THR C 73 4.02 -11.70 23.42
N VAL C 74 4.21 -10.73 22.53
CA VAL C 74 3.37 -10.54 21.37
C VAL C 74 4.17 -10.93 20.13
N PHE C 75 3.66 -11.90 19.37
CA PHE C 75 4.28 -12.32 18.12
C PHE C 75 3.74 -11.45 16.99
N TRP C 76 4.09 -10.17 17.05
CA TRP C 76 3.56 -9.20 16.10
C TRP C 76 4.10 -9.39 14.69
N GLY C 77 5.08 -10.26 14.49
CA GLY C 77 5.49 -10.60 13.14
C GLY C 77 4.44 -11.34 12.37
N ARG C 78 3.55 -12.05 13.07
CA ARG C 78 2.45 -12.74 12.41
C ARG C 78 1.57 -11.77 11.64
N TYR C 79 1.32 -10.59 12.22
CA TYR C 79 0.43 -9.62 11.59
C TYR C 79 1.10 -8.90 10.43
N ILE C 80 2.41 -8.68 10.51
CA ILE C 80 3.15 -8.22 9.34
C ILE C 80 3.05 -9.25 8.22
N ASP C 81 3.02 -10.54 8.58
CA ASP C 81 2.89 -11.59 7.58
C ASP C 81 1.46 -11.66 7.05
N TRP C 82 0.48 -11.67 7.95
CA TRP C 82 -0.90 -11.89 7.54
C TRP C 82 -1.44 -10.73 6.71
N VAL C 83 -1.09 -9.50 7.07
CA VAL C 83 -1.57 -8.33 6.35
C VAL C 83 -1.10 -8.29 4.90
N VAL C 84 -0.14 -9.14 4.53
CA VAL C 84 0.35 -9.24 3.17
C VAL C 84 -0.13 -10.51 2.49
N THR C 85 0.00 -11.65 3.18
CA THR C 85 -0.29 -12.94 2.55
C THR C 85 -1.79 -13.19 2.40
N THR C 86 -2.58 -12.85 3.42
CA THR C 86 -4.02 -13.14 3.37
C THR C 86 -4.76 -12.32 2.32
N PRO C 87 -4.42 -11.05 2.06
CA PRO C 87 -5.07 -10.37 0.93
C PRO C 87 -4.68 -10.96 -0.42
N LEU C 88 -3.44 -11.46 -0.55
CA LEU C 88 -3.03 -12.10 -1.79
C LEU C 88 -3.79 -13.39 -2.03
N LEU C 89 -4.06 -14.15 -0.96
CA LEU C 89 -4.79 -15.40 -1.10
C LEU C 89 -6.22 -15.15 -1.56
N LEU C 90 -6.88 -14.12 -1.00
CA LEU C 90 -8.23 -13.79 -1.43
C LEU C 90 -8.22 -13.21 -2.85
N MET C 91 -7.17 -12.47 -3.21
CA MET C 91 -7.08 -11.96 -4.58
C MET C 91 -6.83 -13.09 -5.58
N GLU C 92 -5.92 -14.01 -5.23
CA GLU C 92 -5.66 -15.15 -6.11
C GLU C 92 -6.91 -16.01 -6.28
N LEU C 93 -7.65 -16.23 -5.19
CA LEU C 93 -8.92 -16.93 -5.31
C LEU C 93 -9.94 -16.10 -6.07
N GLY C 94 -9.83 -14.77 -6.02
CA GLY C 94 -10.76 -13.92 -6.75
C GLY C 94 -10.59 -14.03 -8.25
N VAL C 95 -9.34 -14.18 -8.71
CA VAL C 95 -9.10 -14.35 -10.14
C VAL C 95 -9.66 -15.68 -10.62
N ILE C 96 -9.50 -16.73 -9.82
CA ILE C 96 -10.01 -18.05 -10.19
C ILE C 96 -11.53 -18.01 -10.29
N ALA C 97 -12.19 -17.40 -9.30
CA ALA C 97 -13.64 -17.32 -9.29
C ALA C 97 -14.19 -16.39 -10.37
N GLY C 98 -13.34 -15.66 -11.07
CA GLY C 98 -13.83 -14.71 -12.05
C GLY C 98 -14.56 -13.53 -11.45
N LEU C 99 -14.36 -13.26 -10.17
CA LEU C 99 -15.02 -12.14 -9.51
C LEU C 99 -14.53 -10.82 -10.09
N ARG C 100 -15.42 -9.84 -10.14
CA ARG C 100 -15.06 -8.54 -10.67
C ARG C 100 -13.99 -7.90 -9.80
N PRO C 101 -12.98 -7.27 -10.39
CA PRO C 101 -11.84 -6.78 -9.60
C PRO C 101 -12.23 -5.80 -8.51
N LYS C 102 -13.27 -4.99 -8.72
CA LYS C 102 -13.68 -4.03 -7.70
C LYS C 102 -14.16 -4.72 -6.43
N LEU C 103 -14.90 -5.81 -6.58
CA LEU C 103 -15.33 -6.57 -5.41
C LEU C 103 -14.15 -7.33 -4.79
N ILE C 104 -13.16 -7.71 -5.59
CA ILE C 104 -11.94 -8.31 -5.04
C ILE C 104 -11.24 -7.31 -4.14
N ALA C 105 -11.16 -6.05 -4.58
CA ALA C 105 -10.53 -5.02 -3.76
C ALA C 105 -11.27 -4.81 -2.45
N GLY C 106 -12.60 -4.89 -2.48
CA GLY C 106 -13.37 -4.76 -1.26
C GLY C 106 -13.09 -5.87 -0.27
N VAL C 107 -13.02 -7.12 -0.76
CA VAL C 107 -12.69 -8.24 0.12
C VAL C 107 -11.26 -8.09 0.64
N MET C 108 -10.34 -7.65 -0.22
CA MET C 108 -8.97 -7.43 0.22
C MET C 108 -8.89 -6.34 1.27
N GLY C 109 -9.66 -5.25 1.07
CA GLY C 109 -9.67 -4.18 2.06
C GLY C 109 -10.23 -4.62 3.39
N ALA C 110 -11.30 -5.43 3.36
CA ALA C 110 -11.85 -5.97 4.59
C ALA C 110 -10.87 -6.93 5.26
N ASP C 111 -10.07 -7.63 4.45
CA ASP C 111 -9.06 -8.54 5.02
C ASP C 111 -7.97 -7.78 5.74
N ILE C 112 -7.48 -6.69 5.14
CA ILE C 112 -6.50 -5.84 5.81
C ILE C 112 -7.10 -5.26 7.08
N PHE C 113 -8.38 -4.87 7.02
CA PHE C 113 -9.08 -4.42 8.22
C PHE C 113 -9.10 -5.50 9.29
N MET C 114 -9.28 -6.76 8.89
CA MET C 114 -9.34 -7.85 9.85
C MET C 114 -8.00 -8.04 10.56
N ILE C 115 -6.90 -8.02 9.80
CA ILE C 115 -5.59 -8.23 10.39
C ILE C 115 -5.21 -7.05 11.29
N VAL C 116 -5.52 -5.83 10.85
CA VAL C 116 -5.11 -4.65 11.61
C VAL C 116 -5.82 -4.59 12.95
N THR C 117 -7.14 -4.78 12.95
CA THR C 117 -7.88 -4.78 14.21
C THR C 117 -7.48 -5.97 15.09
N GLY C 118 -7.05 -7.08 14.48
CA GLY C 118 -6.54 -8.19 15.26
C GLY C 118 -5.20 -7.88 15.91
N PHE C 119 -4.36 -7.11 15.20
CA PHE C 119 -3.09 -6.69 15.79
C PHE C 119 -3.32 -5.75 16.97
N ILE C 120 -4.31 -4.87 16.86
CA ILE C 120 -4.62 -3.95 17.96
C ILE C 120 -5.07 -4.73 19.19
N GLY C 121 -5.91 -5.76 18.99
CA GLY C 121 -6.31 -6.60 20.10
C GLY C 121 -5.16 -7.39 20.69
N ALA C 122 -4.18 -7.76 19.87
CA ALA C 122 -3.05 -8.54 20.37
C ALA C 122 -2.15 -7.74 21.30
N VAL C 123 -2.23 -6.42 21.26
CA VAL C 123 -1.34 -5.55 22.03
C VAL C 123 -2.08 -4.82 23.14
N GLU C 124 -3.37 -5.12 23.33
CA GLU C 124 -4.21 -4.40 24.28
C GLU C 124 -4.46 -5.23 25.54
N ALA C 125 -4.98 -4.56 26.55
CA ALA C 125 -5.23 -5.13 27.86
C ALA C 125 -6.38 -6.13 27.82
N PRO C 126 -6.52 -6.96 28.85
CA PRO C 126 -7.60 -7.97 28.87
C PRO C 126 -8.99 -7.40 28.68
N PRO C 127 -9.27 -6.17 29.11
CA PRO C 127 -10.62 -5.63 28.79
C PRO C 127 -10.87 -5.44 27.31
N TYR C 128 -9.95 -4.81 26.58
CA TYR C 128 -10.23 -4.36 25.23
C TYR C 128 -9.63 -5.24 24.14
N ASN C 129 -8.83 -6.26 24.50
CA ASN C 129 -8.38 -7.20 23.49
C ASN C 129 -9.53 -8.02 22.95
N TYR C 130 -10.56 -8.28 23.77
CA TYR C 130 -11.74 -8.99 23.29
C TYR C 130 -12.59 -8.09 22.40
N LEU C 131 -12.67 -6.80 22.73
CA LEU C 131 -13.46 -5.87 21.93
C LEU C 131 -12.94 -5.80 20.50
N TRP C 132 -11.62 -5.71 20.34
CA TRP C 132 -11.04 -5.70 19.01
C TRP C 132 -11.13 -7.08 18.35
N TRP C 133 -11.13 -8.15 19.16
CA TRP C 133 -11.35 -9.48 18.62
C TRP C 133 -12.73 -9.60 17.97
N LEU C 134 -13.75 -9.05 18.63
CA LEU C 134 -15.10 -9.09 18.07
C LEU C 134 -15.21 -8.22 16.83
N ILE C 135 -14.52 -7.07 16.81
CA ILE C 135 -14.53 -6.21 15.65
C ILE C 135 -13.88 -6.91 14.46
N SER C 136 -12.73 -7.54 14.69
CA SER C 136 -12.03 -8.23 13.62
C SER C 136 -12.83 -9.45 13.14
N THR C 137 -13.42 -10.19 14.07
CA THR C 137 -14.23 -11.35 13.69
C THR C 137 -15.47 -10.92 12.90
N GLY C 138 -15.97 -9.72 13.15
CA GLY C 138 -17.09 -9.22 12.37
C GLY C 138 -16.75 -9.08 10.90
N SER C 139 -15.60 -8.48 10.61
CA SER C 139 -15.16 -8.40 9.22
C SER C 139 -14.83 -9.77 8.65
N PHE C 140 -14.39 -10.70 9.50
CA PHE C 140 -14.16 -12.07 9.04
C PHE C 140 -15.46 -12.72 8.58
N LEU C 141 -16.56 -12.48 9.30
CA LEU C 141 -17.84 -13.04 8.91
C LEU C 141 -18.29 -12.48 7.56
N ALA C 142 -18.09 -11.18 7.34
CA ALA C 142 -18.46 -10.58 6.07
C ALA C 142 -17.61 -11.15 4.93
N ILE C 143 -16.34 -11.47 5.20
CA ILE C 143 -15.50 -12.08 4.18
C ILE C 143 -15.96 -13.50 3.88
N LEU C 144 -16.28 -14.27 4.93
CA LEU C 144 -16.88 -15.58 4.71
C LEU C 144 -18.20 -15.46 3.95
N GLY C 145 -18.95 -14.39 4.22
CA GLY C 145 -20.17 -14.16 3.46
C GLY C 145 -19.89 -13.97 1.98
N SER C 146 -18.87 -13.17 1.65
CA SER C 146 -18.54 -12.94 0.24
C SER C 146 -18.04 -14.21 -0.42
N LEU C 147 -17.28 -15.04 0.30
CA LEU C 147 -16.81 -16.30 -0.26
C LEU C 147 -17.97 -17.21 -0.62
N LEU C 148 -19.03 -17.17 0.17
CA LEU C 148 -20.24 -17.95 -0.11
C LEU C 148 -21.22 -17.20 -1.00
N THR C 149 -21.02 -15.91 -1.27
CA THR C 149 -21.97 -15.12 -2.03
C THR C 149 -21.36 -14.81 -3.39
N GLU C 150 -20.71 -13.66 -3.56
CA GLU C 150 -20.27 -13.23 -4.88
C GLU C 150 -19.16 -14.12 -5.45
N TYR C 151 -18.31 -14.65 -4.58
CA TYR C 151 -17.27 -15.57 -5.02
C TYR C 151 -17.89 -16.80 -5.67
N SER C 152 -18.88 -17.40 -5.01
CA SER C 152 -19.48 -18.62 -5.54
C SER C 152 -20.41 -18.33 -6.72
N ALA C 153 -21.11 -17.20 -6.69
CA ALA C 153 -22.04 -16.87 -7.77
C ALA C 153 -21.30 -16.59 -9.07
N SER C 154 -20.08 -16.07 -9.00
CA SER C 154 -19.33 -15.77 -10.22
C SER C 154 -18.62 -17.01 -10.76
N ALA C 155 -18.09 -17.86 -9.86
CA ALA C 155 -17.44 -19.07 -10.31
C ALA C 155 -18.43 -20.12 -10.79
N LYS C 156 -19.68 -20.05 -10.32
CA LYS C 156 -20.70 -21.01 -10.75
C LYS C 156 -20.95 -20.93 -12.26
N ARG C 157 -20.89 -19.74 -12.83
CA ARG C 157 -21.16 -19.52 -14.24
C ARG C 157 -19.94 -19.71 -15.11
N ARG C 158 -18.82 -20.13 -14.55
CA ARG C 158 -17.59 -20.33 -15.29
C ARG C 158 -17.42 -21.80 -15.64
N ASN C 159 -16.24 -22.17 -16.13
CA ASN C 159 -15.98 -23.54 -16.56
C ASN C 159 -16.21 -24.52 -15.42
N GLY C 160 -16.61 -25.75 -15.77
CA GLY C 160 -16.80 -26.77 -14.75
C GLY C 160 -15.51 -27.13 -14.05
N ARG C 161 -14.39 -27.11 -14.78
CA ARG C 161 -13.10 -27.40 -14.18
C ARG C 161 -12.65 -26.27 -13.26
N ILE C 162 -13.02 -25.03 -13.58
CA ILE C 162 -12.60 -23.90 -12.77
C ILE C 162 -13.49 -23.76 -11.54
N ASN C 163 -14.80 -23.92 -11.70
CA ASN C 163 -15.71 -23.85 -10.56
C ASN C 163 -15.40 -24.96 -9.56
N SER C 164 -15.00 -26.13 -10.05
CA SER C 164 -14.62 -27.22 -9.15
C SER C 164 -13.36 -26.85 -8.38
N LEU C 165 -12.41 -26.18 -9.03
CA LEU C 165 -11.19 -25.78 -8.35
C LEU C 165 -11.45 -24.69 -7.32
N PHE C 166 -12.32 -23.73 -7.65
CA PHE C 166 -12.63 -22.66 -6.71
C PHE C 166 -13.29 -23.18 -5.45
N GLN C 167 -14.28 -24.07 -5.61
CA GLN C 167 -15.01 -24.59 -4.46
C GLN C 167 -14.09 -25.38 -3.55
N THR C 168 -13.15 -26.15 -4.13
CA THR C 168 -12.18 -26.86 -3.32
C THR C 168 -11.30 -25.87 -2.55
N LEU C 169 -10.85 -24.81 -3.21
CA LEU C 169 -10.01 -23.81 -2.55
C LEU C 169 -10.83 -23.01 -1.54
N ARG C 170 -12.09 -22.74 -1.84
CA ARG C 170 -12.93 -21.98 -0.92
C ARG C 170 -13.19 -22.78 0.36
N ASN C 171 -13.57 -24.04 0.23
CA ASN C 171 -13.80 -24.89 1.41
C ASN C 171 -12.51 -25.05 2.21
N ILE C 172 -11.37 -25.18 1.53
CA ILE C 172 -10.09 -25.27 2.23
C ILE C 172 -9.82 -23.98 2.99
N LEU C 173 -10.01 -22.84 2.31
CA LEU C 173 -9.78 -21.55 2.94
C LEU C 173 -10.71 -21.35 4.14
N ILE C 174 -12.00 -21.62 3.95
CA ILE C 174 -12.97 -21.41 5.02
C ILE C 174 -12.62 -22.22 6.25
N VAL C 175 -12.40 -23.53 6.07
CA VAL C 175 -12.15 -24.40 7.21
C VAL C 175 -10.87 -24.00 7.93
N LEU C 176 -9.83 -23.64 7.19
CA LEU C 176 -8.57 -23.28 7.82
C LEU C 176 -8.66 -21.93 8.52
N TRP C 177 -9.30 -20.95 7.90
CA TRP C 177 -9.33 -19.60 8.47
C TRP C 177 -10.23 -19.52 9.69
N ILE C 178 -11.20 -20.43 9.83
CA ILE C 178 -12.08 -20.41 11.00
C ILE C 178 -11.29 -20.67 12.27
N CYS C 179 -10.22 -21.48 12.19
CA CYS C 179 -9.46 -21.84 13.38
C CYS C 179 -8.63 -20.69 13.93
N TYR C 180 -8.31 -19.69 13.11
CA TYR C 180 -7.42 -18.62 13.56
C TYR C 180 -8.00 -17.80 14.70
N PRO C 181 -9.24 -17.29 14.63
CA PRO C 181 -9.79 -16.58 15.80
C PRO C 181 -9.97 -17.48 17.00
N ILE C 182 -10.16 -18.78 16.79
CA ILE C 182 -10.34 -19.70 17.91
C ILE C 182 -9.00 -19.92 18.61
N VAL C 183 -7.92 -20.12 17.83
CA VAL C 183 -6.58 -20.19 18.42
C VAL C 183 -6.26 -18.88 19.12
N TRP C 184 -6.61 -17.75 18.49
CA TRP C 184 -6.33 -16.44 19.06
C TRP C 184 -7.03 -16.24 20.39
N ILE C 185 -8.34 -16.50 20.44
CA ILE C 185 -9.11 -16.23 21.65
C ILE C 185 -8.78 -17.21 22.76
N LEU C 186 -8.32 -18.41 22.40
CA LEU C 186 -7.93 -19.42 23.39
C LEU C 186 -6.45 -19.36 23.74
N GLY C 187 -5.68 -18.52 23.06
CA GLY C 187 -4.26 -18.39 23.30
C GLY C 187 -3.93 -17.22 24.22
N ALA C 188 -2.67 -16.78 24.14
CA ALA C 188 -2.19 -15.72 25.02
C ALA C 188 -2.88 -14.40 24.74
N GLU C 189 -3.38 -14.20 23.52
CA GLU C 189 -4.00 -12.93 23.19
C GLU C 189 -5.36 -12.77 23.87
N GLY C 190 -6.05 -13.86 24.15
CA GLY C 190 -7.31 -13.81 24.86
C GLY C 190 -7.23 -14.53 26.20
N PHE C 191 -8.14 -15.47 26.44
CA PHE C 191 -8.02 -16.34 27.60
C PHE C 191 -6.87 -17.31 27.39
N HIS C 192 -5.88 -17.27 28.28
CA HIS C 192 -4.70 -18.12 28.15
C HIS C 192 -5.05 -19.55 28.54
N VAL C 193 -5.82 -20.19 27.67
CA VAL C 193 -6.23 -21.57 27.88
C VAL C 193 -5.20 -22.54 27.32
N ILE C 194 -4.71 -22.30 26.11
CA ILE C 194 -3.65 -23.11 25.52
C ILE C 194 -2.32 -22.38 25.70
N SER C 195 -1.26 -23.16 25.87
CA SER C 195 0.06 -22.60 26.15
C SER C 195 0.67 -21.99 24.89
N VAL C 196 1.74 -21.23 25.09
CA VAL C 196 2.42 -20.58 23.97
C VAL C 196 3.02 -21.62 23.03
N GLY C 197 3.49 -22.74 23.58
CA GLY C 197 4.05 -23.78 22.73
C GLY C 197 3.02 -24.41 21.82
N TRP C 198 1.86 -24.76 22.38
CA TRP C 198 0.80 -25.35 21.55
C TRP C 198 0.17 -24.32 20.63
N GLU C 199 0.14 -23.05 21.04
CA GLU C 199 -0.34 -22.00 20.15
C GLU C 199 0.59 -21.84 18.96
N THR C 200 1.90 -21.93 19.19
CA THR C 200 2.85 -21.90 18.08
C THR C 200 2.63 -23.08 17.14
N LEU C 201 2.32 -24.25 17.71
CA LEU C 201 2.00 -25.43 16.90
C LEU C 201 0.82 -25.15 15.98
N CYS C 202 -0.29 -24.68 16.55
CA CYS C 202 -1.51 -24.46 15.78
C CYS C 202 -1.27 -23.46 14.66
N TYR C 203 -0.62 -22.33 14.97
CA TYR C 203 -0.38 -21.32 13.96
C TYR C 203 0.53 -21.86 12.84
N SER C 204 1.52 -22.68 13.20
CA SER C 204 2.40 -23.24 12.20
C SER C 204 1.68 -24.27 11.33
N VAL C 205 0.84 -25.11 11.95
CA VAL C 205 0.09 -26.09 11.19
C VAL C 205 -0.92 -25.41 10.28
N LEU C 206 -1.62 -24.40 10.79
CA LEU C 206 -2.60 -23.69 9.98
C LEU C 206 -1.92 -22.94 8.84
N ASP C 207 -0.83 -22.22 9.14
CA ASP C 207 -0.19 -21.38 8.13
C ASP C 207 0.35 -22.22 6.97
N VAL C 208 0.98 -23.35 7.29
CA VAL C 208 1.58 -24.18 6.23
C VAL C 208 0.49 -24.74 5.32
N CYS C 209 -0.58 -25.28 5.91
CA CYS C 209 -1.67 -25.81 5.09
C CYS C 209 -2.37 -24.71 4.30
N ALA C 210 -2.56 -23.53 4.90
CA ALA C 210 -3.25 -22.43 4.24
C ALA C 210 -2.40 -21.73 3.21
N LYS C 211 -1.12 -22.05 3.10
CA LYS C 211 -0.24 -21.43 2.11
C LYS C 211 0.46 -22.45 1.24
N VAL C 212 1.09 -23.46 1.82
CA VAL C 212 1.71 -24.50 1.02
C VAL C 212 0.66 -25.46 0.46
N GLY C 213 -0.23 -25.95 1.33
CA GLY C 213 -1.27 -26.85 0.87
C GLY C 213 -2.29 -26.18 -0.01
N PHE C 214 -2.73 -24.97 0.37
CA PHE C 214 -3.65 -24.21 -0.47
C PHE C 214 -3.04 -23.95 -1.84
N GLY C 215 -1.81 -23.42 -1.87
CA GLY C 215 -1.15 -23.18 -3.14
C GLY C 215 -0.86 -24.45 -3.92
N PHE C 216 -0.65 -25.57 -3.21
CA PHE C 216 -0.44 -26.84 -3.89
C PHE C 216 -1.65 -27.22 -4.73
N VAL C 217 -2.85 -27.09 -4.16
CA VAL C 217 -4.07 -27.38 -4.91
C VAL C 217 -4.20 -26.46 -6.10
N VAL C 218 -3.74 -25.20 -5.97
CA VAL C 218 -3.79 -24.27 -7.10
C VAL C 218 -2.88 -24.75 -8.22
N VAL C 219 -1.62 -25.02 -7.90
CA VAL C 219 -0.65 -25.39 -8.94
C VAL C 219 -0.86 -26.84 -9.39
N SER C 220 -1.42 -27.70 -8.55
CA SER C 220 -1.66 -29.08 -8.96
C SER C 220 -2.82 -29.20 -9.93
N ALA C 221 -3.53 -28.11 -10.22
CA ALA C 221 -4.47 -28.12 -11.32
C ALA C 221 -3.71 -28.08 -12.65
N GLY C 222 -4.38 -28.53 -13.71
CA GLY C 222 -3.74 -28.55 -15.01
C GLY C 222 -3.38 -27.15 -15.48
N ASN C 223 -2.33 -27.08 -16.30
CA ASN C 223 -1.97 -25.82 -16.94
C ASN C 223 -3.09 -25.29 -17.82
N GLU C 224 -3.96 -26.19 -18.31
CA GLU C 224 -5.15 -25.77 -19.05
C GLU C 224 -6.09 -24.96 -18.16
N THR C 225 -6.37 -25.47 -16.97
CA THR C 225 -7.30 -24.80 -16.06
C THR C 225 -6.74 -23.47 -15.56
N LEU C 226 -5.44 -23.44 -15.25
CA LEU C 226 -4.84 -22.21 -14.74
C LEU C 226 -4.77 -21.14 -15.83
N ALA C 227 -4.42 -21.53 -17.05
CA ALA C 227 -4.40 -20.58 -18.16
C ALA C 227 -5.79 -20.03 -18.44
N GLN C 228 -6.81 -20.89 -18.34
CA GLN C 228 -8.17 -20.44 -18.57
C GLN C 228 -8.68 -19.57 -17.43
N ALA C 229 -8.21 -19.82 -16.20
CA ALA C 229 -8.72 -19.06 -15.06
C ALA C 229 -8.19 -17.64 -15.05
N SER C 230 -7.04 -17.39 -15.68
CA SER C 230 -6.43 -16.07 -15.71
C SER C 230 -6.73 -15.29 -16.98
N ASN C 231 -7.58 -15.83 -17.86
CA ASN C 231 -7.84 -15.19 -19.14
C ASN C 231 -8.60 -13.90 -18.94
N SER C 232 -8.14 -12.83 -19.61
CA SER C 232 -8.75 -11.52 -19.43
C SER C 232 -10.20 -11.50 -19.88
N ASP C 233 -10.47 -12.04 -21.07
CA ASP C 233 -11.81 -11.95 -21.66
C ASP C 233 -12.76 -13.03 -21.18
N ARG C 234 -12.25 -14.13 -20.62
CA ARG C 234 -13.12 -15.06 -19.92
C ARG C 234 -13.43 -14.57 -18.51
N ILE C 235 -12.59 -13.70 -17.96
CA ILE C 235 -12.93 -13.02 -16.71
C ILE C 235 -13.88 -11.85 -16.98
N MET C 236 -13.82 -11.27 -18.19
CA MET C 236 -14.78 -10.22 -18.51
C MET C 236 -16.17 -10.81 -18.77
N GLU C 237 -16.24 -12.06 -19.23
CA GLU C 237 -17.52 -12.69 -19.52
C GLU C 237 -18.19 -13.20 -18.25
N THR C 238 -17.43 -13.76 -17.30
CA THR C 238 -18.10 -14.10 -16.04
C THR C 238 -18.56 -12.85 -15.32
N VAL C 239 -17.85 -11.73 -15.48
CA VAL C 239 -18.28 -10.48 -14.86
C VAL C 239 -19.53 -9.94 -15.56
N HIS C 240 -19.55 -9.98 -16.90
CA HIS C 240 -20.70 -9.51 -17.64
C HIS C 240 -21.94 -10.34 -17.34
N SER C 241 -21.77 -11.66 -17.18
CA SER C 241 -22.90 -12.52 -16.87
C SER C 241 -23.34 -12.35 -15.41
N TYR C 242 -22.38 -12.22 -14.50
CA TYR C 242 -22.71 -12.02 -13.10
C TYR C 242 -23.41 -10.69 -12.87
N MET C 243 -22.92 -9.63 -13.53
CA MET C 243 -23.50 -8.30 -13.34
C MET C 243 -24.85 -8.12 -14.00
N GLN C 244 -25.25 -9.04 -14.88
CA GLN C 244 -26.51 -8.93 -15.60
C GLN C 244 -27.53 -9.97 -15.19
N SER C 245 -27.16 -10.92 -14.33
CA SER C 245 -28.07 -11.98 -13.93
C SER C 245 -28.57 -11.79 -12.50
N GLU C 246 -29.00 -10.58 -12.15
CA GLU C 246 -29.59 -10.35 -10.84
C GLU C 246 -31.01 -10.90 -10.73
N GLU C 247 -31.58 -11.36 -11.85
CA GLU C 247 -32.89 -12.04 -11.94
C GLU C 247 -33.82 -11.87 -10.73
C1 RET D . -2.48 18.84 7.71
C2 RET D . -1.18 19.45 8.21
C3 RET D . -0.62 20.74 7.63
C4 RET D . -0.97 20.90 6.16
C5 RET D . -2.29 20.34 5.72
C6 RET D . -2.92 19.34 6.34
C7 RET D . -4.17 18.89 5.66
C8 RET D . -5.02 17.96 6.12
C9 RET D . -6.25 17.54 5.44
C10 RET D . -6.96 16.59 6.05
C11 RET D . -8.21 16.03 5.55
C12 RET D . -8.76 15.09 6.31
C13 RET D . -10.02 14.42 5.98
C14 RET D . -10.47 13.48 6.82
C15 RET D . -11.72 12.79 6.52
C16 RET D . -2.38 17.33 7.87
C17 RET D . -3.54 19.43 8.64
C18 RET D . -2.87 20.89 4.44
C19 RET D . -6.68 18.14 4.13
C20 RET D . -10.78 14.80 4.75
C1 HEX E . -10.04 -0.63 0.11
C2 HEX E . -11.39 -0.79 -0.60
C3 HEX E . -11.27 -0.36 -2.06
C4 HEX E . -12.56 -0.66 -2.80
C5 HEX E . -12.69 0.25 -4.02
C6 HEX E . -12.70 -0.58 -5.30
C1 HEX F . -1.34 0.53 19.67
C2 HEX F . -2.31 0.01 18.61
C3 HEX F . -2.40 1.01 17.46
C4 HEX F . -2.05 0.31 16.14
C5 HEX F . -2.41 1.22 14.97
C6 HEX F . -2.19 0.46 13.66
C1 OCT G . -14.59 -0.71 13.83
C2 OCT G . -15.62 0.24 14.42
C3 OCT G . -17.02 -0.35 14.26
C4 OCT G . -17.32 -0.55 12.76
C5 OCT G . -18.84 -0.51 12.55
C6 OCT G . -19.18 -1.24 11.26
C7 OCT G . -20.66 -1.04 10.94
C8 OCT G . -21.03 -1.83 9.68
C1 OCT H . -13.56 28.70 18.05
C2 OCT H . -12.38 28.47 18.99
C3 OCT H . -12.84 28.59 20.43
C4 OCT H . -11.65 28.33 21.35
C5 OCT H . -12.07 28.50 22.82
C6 OCT H . -10.98 27.97 23.73
C7 OCT H . -11.47 27.96 25.17
C8 OCT H . -10.30 27.70 26.12
C1 OCT I . -21.47 25.58 -4.28
C2 OCT I . -21.61 24.43 -3.27
C3 OCT I . -20.73 24.71 -2.06
C4 OCT I . -20.88 23.56 -1.06
C5 OCT I . -20.01 23.83 0.16
C6 OCT I . -20.71 23.30 1.41
C7 OCT I . -19.67 23.00 2.50
C8 OCT I . -20.38 22.91 3.85
C01 C14 J . -0.67 15.67 -10.30
C02 C14 J . -0.59 17.02 -9.57
C03 C14 J . -0.57 16.77 -8.07
C04 C14 J . 0.56 15.80 -7.74
C05 C14 J . 1.89 16.53 -7.74
C06 C14 J . 2.51 16.51 -6.34
C07 C14 J . 3.19 17.84 -6.08
C08 C14 J . 3.45 18.01 -4.59
C09 C14 J . 3.86 19.46 -4.34
C10 C14 J . 4.99 19.54 -3.32
C11 C14 J . 5.20 20.99 -2.93
C12 C14 J . 6.33 21.11 -1.92
C13 C14 J . 6.24 22.47 -1.23
C14 C14 J . 7.63 23.01 -0.93
C1 RET K . 20.85 -3.17 0.54
C2 RET K . 21.26 -4.09 1.68
C3 RET K . 21.91 -5.44 1.41
C4 RET K . 21.39 -6.08 0.12
C5 RET K . 21.04 -5.12 -0.99
C6 RET K . 20.69 -3.85 -0.82
C7 RET K . 20.30 -3.13 -2.06
C8 RET K . 19.97 -1.83 -2.12
C9 RET K . 19.61 -1.11 -3.36
C10 RET K . 19.29 0.18 -3.20
C11 RET K . 18.93 1.09 -4.29
C12 RET K . 18.63 2.33 -3.91
C13 RET K . 18.25 3.38 -4.86
C14 RET K . 17.97 4.61 -4.40
C15 RET K . 17.59 5.67 -5.31
C16 RET K . 19.64 -2.37 1.03
C17 RET K . 22.07 -2.28 0.33
C18 RET K . 20.99 -5.69 -2.37
C19 RET K . 19.61 -1.78 -4.70
C20 RET K . 18.19 3.12 -6.34
C1 HEX L . 10.62 18.79 0.91
C2 HEX L . 11.13 18.82 -0.54
C3 HEX L . 10.42 19.95 -1.29
C4 HEX L . 10.54 19.71 -2.79
C5 HEX L . 9.83 20.84 -3.53
C6 HEX L . 9.39 20.34 -4.92
C1 D10 M . 8.41 8.65 8.24
C2 D10 M . 8.14 8.83 9.73
C3 D10 M . 8.83 10.11 10.22
C4 D10 M . 8.98 10.08 11.73
C5 D10 M . 9.64 11.39 12.18
C6 D10 M . 10.05 11.31 13.64
C7 D10 M . 10.43 12.72 14.11
C8 D10 M . 11.12 12.67 15.47
C9 D10 M . 11.00 14.05 16.13
C10 D10 M . 12.36 14.50 16.66
C01 C14 N . 24.11 19.06 -6.95
C02 C14 N . 24.38 19.21 -5.45
C03 C14 N . 25.02 20.57 -5.18
C04 C14 N . 25.48 20.62 -3.73
C05 C14 N . 26.34 21.88 -3.51
C06 C14 N . 27.02 21.83 -2.15
C07 C14 N . 25.98 21.76 -1.05
C08 C14 N . 26.50 22.45 0.20
C09 C14 N . 25.94 21.75 1.44
C10 C14 N . 26.43 22.45 2.71
C11 C14 N . 26.11 21.57 3.91
C12 C14 N . 26.62 22.23 5.19
C13 C14 N . 26.42 21.27 6.37
C14 C14 N . 27.75 21.06 7.08
C01 C14 O . 12.13 -10.52 -9.74
C02 C14 O . 11.16 -11.60 -10.24
C03 C14 O . 10.71 -12.46 -9.05
C04 C14 O . 11.91 -13.25 -8.51
C05 C14 O . 11.59 -13.78 -7.12
C06 C14 O . 12.16 -12.84 -6.07
C07 C14 O . 12.37 -13.58 -4.75
C08 C14 O . 13.86 -13.74 -4.50
C09 C14 O . 14.12 -14.17 -3.05
C10 C14 O . 15.53 -14.75 -2.96
C11 C14 O . 15.85 -15.09 -1.50
C12 C14 O . 17.24 -15.74 -1.44
C13 C14 O . 17.53 -16.21 -0.03
C14 C14 O . 18.92 -16.84 0.02
C1 RET P . -7.56 -12.92 14.13
C2 RET P . -8.00 -12.17 15.38
C3 RET P . -9.45 -12.21 15.85
C4 RET P . -10.43 -12.30 14.70
C5 RET P . -9.97 -13.08 13.50
C6 RET P . -8.70 -13.27 13.17
C7 RET P . -8.49 -14.02 11.89
C8 RET P . -7.31 -14.37 11.39
C9 RET P . -7.13 -15.12 10.13
C10 RET P . -5.86 -15.39 9.80
C11 RET P . -5.44 -16.12 8.61
C12 RET P . -4.14 -16.28 8.46
C13 RET P . -3.54 -16.99 7.33
C14 RET P . -2.21 -17.10 7.26
C15 RET P . -1.58 -17.80 6.15
C16 RET P . -6.39 -12.13 13.51
C17 RET P . -7.11 -14.28 14.63
C18 RET P . -11.04 -13.61 12.60
C19 RET P . -8.28 -15.54 9.29
C20 RET P . -4.40 -17.59 6.26
C1 OCT Q . -0.49 -11.31 -10.50
C2 OCT Q . 0.97 -11.70 -10.31
C3 OCT Q . 1.56 -10.89 -9.15
C4 OCT Q . 2.35 -11.82 -8.24
C5 OCT Q . 3.24 -10.98 -7.32
C6 OCT Q . 2.35 -10.31 -6.27
C7 OCT Q . 2.98 -8.98 -5.85
C8 OCT Q . 3.69 -9.17 -4.52
C1 D10 R . 10.95 -5.50 10.97
C2 D10 R . 12.07 -6.29 11.66
C3 D10 R . 12.46 -5.58 12.96
C4 D10 R . 13.71 -6.25 13.54
C5 D10 R . 14.08 -5.57 14.86
C6 D10 R . 15.19 -6.37 15.53
C7 D10 R . 15.36 -5.89 16.97
C8 D10 R . 16.23 -6.88 17.75
C9 D10 R . 15.36 -7.97 18.37
C10 D10 R . 15.53 -7.94 19.88
C01 C14 S . -16.90 -6.76 -0.41
C02 C14 S . -16.32 -7.20 0.93
C03 C14 S . -17.22 -6.69 2.06
C04 C14 S . -16.44 -5.72 2.94
C05 C14 S . -17.30 -5.34 4.13
C06 C14 S . -16.44 -5.25 5.40
C07 C14 S . -17.32 -5.55 6.61
C08 C14 S . -16.60 -5.16 7.90
C09 C14 S . -17.52 -5.50 9.08
C10 C14 S . -17.03 -4.80 10.34
C11 C14 S . -17.98 -5.09 11.49
C12 C14 S . -17.39 -4.59 12.80
C13 C14 S . -17.85 -5.49 13.94
C14 C14 S . -18.99 -4.81 14.70
#